data_4MQF
#
_entry.id   4MQF
#
_cell.length_a   70.280
_cell.length_b   112.630
_cell.length_c   73.220
_cell.angle_alpha   90.000
_cell.angle_beta   97.790
_cell.angle_gamma   90.000
#
_symmetry.space_group_name_H-M   'P 1 21 1'
#
loop_
_entity.id
_entity.type
_entity.pdbx_description
1 polymer 'Gamma-aminobutyric acid type B receptor subunit 1'
2 polymer 'Gamma-aminobutyric acid type B receptor subunit 2'
3 branched alpha-D-mannopyranose-(1-3)-[alpha-D-mannopyranose-(1-6)]alpha-D-mannopyranose-(1-4)-2-acetamido-2-deoxy-beta-D-glucopyranose-(1-4)-[alpha-L-fucopyranose-(1-6)]2-acetamido-2-deoxy-beta-D-glucopyranose
4 branched alpha-D-mannopyranose-(1-4)-2-acetamido-2-deoxy-beta-D-glucopyranose-(1-4)-[alpha-L-fucopyranose-(1-6)]2-acetamido-2-deoxy-beta-D-glucopyranose
5 non-polymer 2-hydroxysaclofen
6 non-polymer 2-acetamido-2-deoxy-beta-D-glucopyranose
7 water water
#
loop_
_entity_poly.entity_id
_entity_poly.type
_entity_poly.pdbx_seq_one_letter_code
_entity_poly.pdbx_strand_id
1 'polypeptide(L)'
;SERRAVYIGALFPMSGGWPGGQACQPAVEMALEDVNSRRDILPDYELKLIHHDSKCDPGQATKYLYELLYNDPIKIILMP
GCSSVSTLVAEAARMWNLIVLSYGSSSPALSNRQRFPTFFRTHPSATLHNPTRVKLFEKWGWKKIATIQQTTEVFTSTLD
DLEERVKEAGIEITFRQSFFSDPAVPVKNLKRQDARIIVGLFYETEARKVFCEVYKERLFGKKYVWFLIGWYADNWFKIY
DPSINCTVDEMTEAVEGHITTEIVMLNPANTRSISNMTSQEFVEKLTKRLKRHPEETGGFQEAPLAYDAIWALALALNKT
SGGGGRSGVRLEDFNYNNQTITDQIYRAMNSSSFEGVSGHVVFDASGSRMAWTLIEQLQGGSYKKIGYYDSTKDDLSWSK
TDKWIGGSPPADDYKDDDDK
;
A
2 'polypeptide(L)'
;WARGAPRPPPSSPPLSIMGLMPLTKEVAKGSIGRGVLPAVELAIEQIRNESLLRPYFLDLRLYDTECDNAKGLKAFYDAI
KYGPNHLMVFGGVCPSVTSIIAESLQGWNLVQLSFAATTPVLADKKKYPYFFRTVPSDNAVNPAILKLLKHYQWKRVGTL
TQDVQRFSEVRNDLTGVLYGEDIEISDTESFSNDPCTSVKKLKGNDVRIILGQFDQNMAAKVFCCAYEENMYGSKYQWII
PGWYEPSWWEQVHTEANSSRCLRKNLLAAMEGYIGVDFEPLSSKQIKTISGKTPQQYEREYNNKRSGVGPSKFHGYAYDG
IWVIAKTLQRAMETLHASSRHQRIQDFNYTDHTLGRIILNAMNETNFFGVTGQVVFRNGERMGTIKFTQFQDSREVKVGE
YNAVADTLEIINDTIRFQGSEPPKDDYKDDDDK
;
B
#
# COMPACT_ATOMS: atom_id res chain seq x y z
N SER A 1 -27.95 8.44 40.86
CA SER A 1 -27.05 9.51 40.50
C SER A 1 -27.14 9.80 39.00
N GLU A 2 -26.05 10.31 38.41
CA GLU A 2 -26.01 10.63 36.98
C GLU A 2 -25.29 9.56 36.16
N ARG A 3 -25.81 9.30 34.95
CA ARG A 3 -25.20 8.39 33.97
C ARG A 3 -23.95 9.08 33.45
N ARG A 4 -22.82 8.38 33.46
CA ARG A 4 -21.56 8.92 32.94
C ARG A 4 -21.54 8.78 31.42
N ALA A 5 -21.20 9.89 30.71
CA ALA A 5 -21.09 9.87 29.24
C ALA A 5 -19.81 9.14 28.84
N VAL A 6 -19.94 8.18 27.92
CA VAL A 6 -18.86 7.38 27.37
C VAL A 6 -18.87 7.59 25.84
N TYR A 7 -17.71 7.96 25.26
CA TYR A 7 -17.62 8.39 23.87
C TYR A 7 -16.98 7.42 22.86
N ILE A 8 -17.58 7.38 21.67
CA ILE A 8 -17.10 6.65 20.48
C ILE A 8 -16.57 7.71 19.50
N GLY A 9 -15.37 7.48 18.98
CA GLY A 9 -14.77 8.32 17.93
C GLY A 9 -15.00 7.59 16.62
N ALA A 10 -15.95 8.04 15.81
CA ALA A 10 -16.21 7.33 14.57
C ALA A 10 -15.82 8.14 13.35
N LEU A 11 -15.57 7.43 12.24
CA LEU A 11 -15.25 7.98 10.94
C LEU A 11 -16.22 7.30 9.98
N PHE A 12 -16.95 8.12 9.19
CA PHE A 12 -17.95 7.63 8.23
C PHE A 12 -17.61 8.10 6.85
N PRO A 13 -17.44 7.19 5.86
CA PRO A 13 -17.16 7.69 4.51
C PRO A 13 -18.43 8.20 3.80
N MET A 14 -18.63 9.50 3.78
CA MET A 14 -19.80 10.10 3.07
C MET A 14 -19.60 10.18 1.54
N SER A 15 -18.34 10.11 1.07
CA SER A 15 -17.91 10.06 -0.35
C SER A 15 -16.71 9.06 -0.51
N GLY A 16 -16.13 8.97 -1.72
CA GLY A 16 -15.01 8.08 -2.03
C GLY A 16 -15.43 6.78 -2.70
N GLY A 17 -14.50 5.82 -2.76
CA GLY A 17 -14.74 4.50 -3.35
C GLY A 17 -15.89 3.75 -2.70
N TRP A 18 -16.03 3.86 -1.38
CA TRP A 18 -17.15 3.23 -0.68
C TRP A 18 -17.82 4.30 0.18
N PRO A 19 -18.89 4.94 -0.35
CA PRO A 19 -19.53 6.01 0.43
C PRO A 19 -20.55 5.44 1.44
N GLY A 20 -20.12 4.46 2.21
CA GLY A 20 -20.93 3.71 3.17
C GLY A 20 -21.48 4.46 4.35
N GLY A 21 -20.87 5.58 4.70
CA GLY A 21 -21.32 6.39 5.83
C GLY A 21 -22.70 7.00 5.66
N GLN A 22 -23.16 7.16 4.39
CA GLN A 22 -24.49 7.74 4.03
C GLN A 22 -25.62 7.00 4.77
N ALA A 23 -25.62 5.65 4.76
CA ALA A 23 -26.61 4.87 5.53
C ALA A 23 -26.05 4.36 6.89
N CYS A 24 -24.70 4.23 7.04
CA CYS A 24 -24.15 3.68 8.29
C CYS A 24 -24.16 4.67 9.43
N GLN A 25 -23.99 5.97 9.18
CA GLN A 25 -24.10 6.94 10.27
C GLN A 25 -25.53 6.94 10.89
N PRO A 26 -26.64 7.08 10.10
CA PRO A 26 -27.99 6.98 10.70
C PRO A 26 -28.25 5.66 11.43
N ALA A 27 -27.73 4.52 10.90
CA ALA A 27 -27.85 3.18 11.52
C ALA A 27 -27.12 3.14 12.85
N VAL A 28 -25.99 3.88 12.96
CA VAL A 28 -25.20 4.02 14.18
C VAL A 28 -26.00 4.88 15.18
N GLU A 29 -26.56 6.03 14.70
CA GLU A 29 -27.42 6.95 15.49
C GLU A 29 -28.66 6.20 16.06
N MET A 30 -29.31 5.35 15.24
CA MET A 30 -30.47 4.56 15.66
C MET A 30 -30.07 3.56 16.77
N ALA A 31 -28.94 2.82 16.56
CA ALA A 31 -28.44 1.83 17.52
C ALA A 31 -28.07 2.44 18.86
N LEU A 32 -27.56 3.67 18.86
CA LEU A 32 -27.23 4.36 20.10
C LEU A 32 -28.51 4.74 20.86
N GLU A 33 -29.55 5.24 20.16
CA GLU A 33 -30.85 5.55 20.74
C GLU A 33 -31.42 4.27 21.39
N ASP A 34 -31.41 3.15 20.64
CA ASP A 34 -31.91 1.83 21.09
C ASP A 34 -31.16 1.25 22.31
N VAL A 35 -29.83 1.43 22.38
CA VAL A 35 -29.00 0.93 23.49
C VAL A 35 -29.15 1.84 24.73
N ASN A 36 -29.16 3.16 24.52
CA ASN A 36 -29.28 4.13 25.59
C ASN A 36 -30.70 4.09 26.23
N SER A 37 -31.73 3.78 25.44
CA SER A 37 -33.09 3.69 25.98
C SER A 37 -33.34 2.35 26.69
N ARG A 38 -32.33 1.47 26.71
CA ARG A 38 -32.44 0.18 27.38
C ARG A 38 -31.79 0.26 28.74
N ARG A 39 -32.61 0.14 29.78
CA ARG A 39 -32.22 0.23 31.18
C ARG A 39 -31.38 -0.97 31.61
N ASP A 40 -31.48 -2.09 30.88
CA ASP A 40 -30.76 -3.31 31.19
C ASP A 40 -29.33 -3.41 30.59
N ILE A 41 -28.95 -2.59 29.60
CA ILE A 41 -27.60 -2.72 29.02
C ILE A 41 -26.59 -1.85 29.77
N LEU A 42 -26.63 -0.52 29.65
CA LEU A 42 -25.65 0.28 30.40
C LEU A 42 -26.42 1.24 31.31
N PRO A 43 -26.89 0.78 32.49
CA PRO A 43 -27.72 1.65 33.34
C PRO A 43 -27.00 2.92 33.83
N ASP A 44 -25.73 2.81 34.19
CA ASP A 44 -24.87 3.88 34.71
C ASP A 44 -24.09 4.67 33.66
N TYR A 45 -24.24 4.29 32.37
CA TYR A 45 -23.52 4.93 31.29
C TYR A 45 -24.38 5.35 30.13
N GLU A 46 -24.00 6.46 29.49
CA GLU A 46 -24.66 6.95 28.29
C GLU A 46 -23.61 6.94 27.17
N LEU A 47 -23.87 6.19 26.10
CA LEU A 47 -22.97 6.08 24.96
C LEU A 47 -23.23 7.19 23.96
N LYS A 48 -22.20 8.01 23.72
CA LYS A 48 -22.27 9.16 22.83
C LYS A 48 -21.30 9.04 21.63
N LEU A 49 -21.65 9.70 20.52
CA LEU A 49 -20.93 9.68 19.26
C LEU A 49 -20.30 11.01 18.91
N ILE A 50 -19.04 10.98 18.47
CA ILE A 50 -18.25 12.10 17.93
C ILE A 50 -17.70 11.55 16.63
N HIS A 51 -18.11 12.16 15.50
CA HIS A 51 -17.79 11.66 14.18
C HIS A 51 -17.27 12.69 13.20
N HIS A 52 -16.61 12.20 12.14
CA HIS A 52 -16.06 13.01 11.07
C HIS A 52 -16.20 12.25 9.78
N ASP A 53 -16.31 12.99 8.67
CA ASP A 53 -16.42 12.44 7.32
C ASP A 53 -14.99 12.16 6.85
N SER A 54 -14.65 10.85 6.70
CA SER A 54 -13.34 10.39 6.27
C SER A 54 -13.13 10.57 4.77
N LYS A 55 -14.25 10.54 4.01
CA LYS A 55 -14.34 10.60 2.54
C LYS A 55 -13.70 9.37 1.93
N CYS A 56 -13.64 8.27 2.72
CA CYS A 56 -13.02 7.01 2.33
C CYS A 56 -11.56 7.29 1.92
N ASP A 57 -10.92 8.24 2.62
CA ASP A 57 -9.56 8.69 2.29
C ASP A 57 -8.63 8.64 3.51
N PRO A 58 -7.58 7.78 3.50
CA PRO A 58 -6.65 7.72 4.65
C PRO A 58 -5.97 9.04 5.02
N GLY A 59 -5.62 9.87 4.02
CA GLY A 59 -4.98 11.17 4.25
C GLY A 59 -5.88 12.11 5.04
N GLN A 60 -7.15 12.16 4.63
CA GLN A 60 -8.25 12.92 5.24
C GLN A 60 -8.53 12.43 6.66
N ALA A 61 -8.57 11.11 6.83
CA ALA A 61 -8.78 10.42 8.08
C ALA A 61 -7.69 10.66 9.10
N THR A 62 -6.43 10.94 8.64
CA THR A 62 -5.27 11.22 9.50
C THR A 62 -5.51 12.51 10.25
N LYS A 63 -6.11 13.49 9.58
CA LYS A 63 -6.48 14.78 10.13
C LYS A 63 -7.57 14.65 11.23
N TYR A 64 -8.61 13.84 10.97
CA TYR A 64 -9.72 13.60 11.91
C TYR A 64 -9.34 12.67 13.05
N LEU A 65 -8.43 11.70 12.82
CA LEU A 65 -7.93 10.80 13.88
C LEU A 65 -7.23 11.69 14.88
N TYR A 66 -6.41 12.65 14.40
CA TYR A 66 -5.77 13.62 15.28
C TYR A 66 -6.81 14.38 16.11
N GLU A 67 -7.82 14.95 15.43
CA GLU A 67 -8.94 15.68 16.00
C GLU A 67 -9.64 14.87 17.11
N LEU A 68 -9.88 13.58 16.91
CA LEU A 68 -10.47 12.72 17.93
C LEU A 68 -9.58 12.48 19.17
N LEU A 69 -8.31 12.18 18.94
CA LEU A 69 -7.38 11.86 19.99
C LEU A 69 -6.83 13.05 20.78
N TYR A 70 -6.69 14.22 20.13
CA TYR A 70 -6.05 15.38 20.74
C TYR A 70 -7.04 16.45 21.19
N ASN A 71 -8.33 16.09 21.24
CA ASN A 71 -9.38 16.96 21.75
C ASN A 71 -10.25 16.20 22.72
N ASP A 72 -10.59 16.88 23.83
CA ASP A 72 -11.53 16.38 24.82
C ASP A 72 -12.91 16.32 24.16
N PRO A 73 -13.77 15.35 24.50
CA PRO A 73 -13.57 14.31 25.55
C PRO A 73 -12.74 13.12 25.08
N ILE A 74 -12.17 12.34 26.02
CA ILE A 74 -11.46 11.10 25.76
C ILE A 74 -12.47 10.10 25.16
N LYS A 75 -12.06 9.33 24.13
CA LYS A 75 -12.91 8.34 23.49
C LYS A 75 -12.44 6.95 23.95
N ILE A 76 -13.35 5.98 24.10
CA ILE A 76 -12.99 4.63 24.57
C ILE A 76 -12.79 3.63 23.45
N ILE A 77 -13.30 3.98 22.26
CA ILE A 77 -13.26 3.14 21.07
C ILE A 77 -13.19 4.05 19.82
N LEU A 78 -12.68 3.50 18.70
CA LEU A 78 -12.62 4.18 17.39
C LEU A 78 -13.36 3.31 16.42
N MET A 79 -14.24 3.90 15.59
CA MET A 79 -15.07 3.17 14.62
C MET A 79 -14.90 3.64 13.15
N PRO A 80 -13.89 3.14 12.43
CA PRO A 80 -13.74 3.50 11.00
C PRO A 80 -14.58 2.60 10.08
N GLY A 81 -14.85 3.05 8.87
CA GLY A 81 -15.62 2.24 7.91
C GLY A 81 -14.83 1.62 6.77
N CYS A 82 -14.18 2.44 5.93
CA CYS A 82 -13.41 2.00 4.75
C CYS A 82 -12.19 1.17 5.19
N SER A 83 -11.83 0.17 4.39
CA SER A 83 -10.67 -0.70 4.65
C SER A 83 -9.38 0.09 4.75
N SER A 84 -9.19 1.12 3.90
CA SER A 84 -7.97 1.93 3.90
C SER A 84 -7.90 2.82 5.11
N VAL A 85 -9.06 3.31 5.56
CA VAL A 85 -9.16 4.14 6.77
C VAL A 85 -8.91 3.26 8.01
N SER A 86 -9.46 2.02 8.03
CA SER A 86 -9.26 1.04 9.11
C SER A 86 -7.81 0.59 9.18
N THR A 87 -7.13 0.32 8.05
CA THR A 87 -5.71 -0.11 8.00
C THR A 87 -4.83 0.93 8.71
N LEU A 88 -5.10 2.23 8.46
CA LEU A 88 -4.40 3.33 9.14
C LEU A 88 -4.75 3.49 10.65
N VAL A 89 -6.05 3.58 10.99
CA VAL A 89 -6.42 3.82 12.39
C VAL A 89 -6.16 2.58 13.27
N ALA A 90 -6.42 1.35 12.77
CA ALA A 90 -6.16 0.11 13.52
C ALA A 90 -4.67 -0.11 13.80
N GLU A 91 -3.76 0.37 12.92
CA GLU A 91 -2.34 0.24 13.17
C GLU A 91 -1.85 1.28 14.19
N ALA A 92 -2.29 2.52 14.03
CA ALA A 92 -1.97 3.64 14.91
C ALA A 92 -2.49 3.48 16.35
N ALA A 93 -3.69 2.89 16.49
CA ALA A 93 -4.46 2.70 17.73
C ALA A 93 -3.69 2.19 18.97
N ARG A 94 -2.70 1.28 18.81
CA ARG A 94 -1.97 0.75 19.97
C ARG A 94 -1.22 1.82 20.79
N MET A 95 -0.92 2.97 20.14
CA MET A 95 -0.21 4.05 20.81
C MET A 95 -1.10 4.84 21.78
N TRP A 96 -2.42 4.68 21.65
CA TRP A 96 -3.40 5.29 22.55
C TRP A 96 -4.26 4.19 23.26
N ASN A 97 -3.80 2.92 23.24
CA ASN A 97 -4.47 1.78 23.89
C ASN A 97 -5.95 1.73 23.53
N LEU A 98 -6.25 1.80 22.21
CA LEU A 98 -7.62 1.86 21.75
C LEU A 98 -8.08 0.69 20.94
N ILE A 99 -9.25 0.16 21.32
CA ILE A 99 -9.95 -0.86 20.56
C ILE A 99 -10.43 -0.14 19.29
N VAL A 100 -10.40 -0.86 18.17
CA VAL A 100 -10.88 -0.35 16.89
C VAL A 100 -11.91 -1.33 16.38
N LEU A 101 -13.11 -0.80 16.07
CA LEU A 101 -14.23 -1.62 15.61
C LEU A 101 -14.76 -1.10 14.30
N SER A 102 -14.57 -1.85 13.22
CA SER A 102 -15.03 -1.46 11.91
C SER A 102 -16.35 -2.05 11.53
N TYR A 103 -17.19 -1.26 10.85
CA TYR A 103 -18.51 -1.69 10.41
C TYR A 103 -18.55 -1.98 8.89
N GLY A 104 -17.50 -1.63 8.14
CA GLY A 104 -17.49 -1.86 6.70
C GLY A 104 -16.28 -2.45 6.00
N SER A 105 -15.18 -2.76 6.75
CA SER A 105 -13.91 -3.23 6.17
C SER A 105 -13.87 -4.71 5.86
N SER A 106 -13.68 -5.02 4.59
CA SER A 106 -13.65 -6.41 4.10
C SER A 106 -12.23 -6.91 3.73
N SER A 107 -11.22 -6.03 3.71
CA SER A 107 -9.83 -6.36 3.36
C SER A 107 -9.27 -7.56 4.15
N PRO A 108 -8.83 -8.67 3.51
CA PRO A 108 -8.24 -9.79 4.29
C PRO A 108 -7.05 -9.42 5.19
N ALA A 109 -6.26 -8.41 4.78
CA ALA A 109 -5.06 -7.93 5.47
C ALA A 109 -5.33 -7.46 6.88
N LEU A 110 -6.58 -7.04 7.17
CA LEU A 110 -6.98 -6.56 8.48
C LEU A 110 -7.15 -7.69 9.50
N SER A 111 -7.01 -8.96 9.07
CA SER A 111 -7.12 -10.07 10.01
C SER A 111 -5.72 -10.61 10.43
N ASN A 112 -4.80 -9.65 10.72
CA ASN A 112 -3.42 -9.78 11.17
C ASN A 112 -3.27 -9.15 12.58
N ARG A 113 -3.29 -9.97 13.65
CA ARG A 113 -3.19 -9.51 15.04
C ARG A 113 -1.84 -8.86 15.40
N GLN A 114 -0.81 -9.06 14.58
CA GLN A 114 0.49 -8.45 14.86
C GLN A 114 0.46 -6.98 14.49
N ARG A 115 -0.11 -6.64 13.30
CA ARG A 115 -0.25 -5.26 12.85
C ARG A 115 -1.43 -4.54 13.51
N PHE A 116 -2.55 -5.28 13.74
CA PHE A 116 -3.81 -4.71 14.26
C PHE A 116 -4.26 -5.41 15.56
N PRO A 117 -3.57 -5.16 16.71
CA PRO A 117 -3.82 -5.96 17.92
C PRO A 117 -5.13 -5.76 18.65
N THR A 118 -5.81 -4.61 18.45
CA THR A 118 -7.07 -4.28 19.14
C THR A 118 -8.26 -4.15 18.15
N PHE A 119 -8.14 -4.80 16.98
CA PHE A 119 -9.07 -4.66 15.87
C PHE A 119 -10.17 -5.71 15.82
N PHE A 120 -11.41 -5.25 15.56
CA PHE A 120 -12.61 -6.09 15.41
C PHE A 120 -13.42 -5.50 14.29
N ARG A 121 -14.20 -6.32 13.61
CA ARG A 121 -15.05 -5.85 12.54
C ARG A 121 -16.32 -6.65 12.46
N THR A 122 -17.49 -5.98 12.42
CA THR A 122 -18.79 -6.68 12.24
C THR A 122 -18.97 -7.01 10.77
N HIS A 123 -18.15 -6.40 9.89
CA HIS A 123 -18.14 -6.71 8.47
C HIS A 123 -17.18 -7.91 8.29
N PRO A 124 -17.54 -9.01 7.61
CA PRO A 124 -16.57 -10.09 7.44
C PRO A 124 -15.43 -9.76 6.47
N SER A 125 -14.38 -10.58 6.48
CA SER A 125 -13.25 -10.51 5.57
C SER A 125 -13.73 -11.12 4.23
N ALA A 126 -13.12 -10.71 3.11
CA ALA A 126 -13.39 -11.31 1.79
C ALA A 126 -13.04 -12.82 1.79
N THR A 127 -12.23 -13.28 2.76
CA THR A 127 -11.85 -14.70 2.89
C THR A 127 -13.04 -15.57 3.30
N LEU A 128 -14.16 -14.97 3.78
CA LEU A 128 -15.34 -15.72 4.21
C LEU A 128 -15.99 -16.50 3.06
N HIS A 129 -15.68 -16.14 1.81
CA HIS A 129 -16.14 -16.85 0.61
C HIS A 129 -15.49 -18.23 0.49
N ASN A 130 -14.20 -18.36 0.86
CA ASN A 130 -13.37 -19.57 0.77
C ASN A 130 -13.97 -20.83 1.49
N PRO A 131 -14.42 -20.83 2.79
CA PRO A 131 -15.07 -22.04 3.34
C PRO A 131 -16.29 -22.54 2.57
N THR A 132 -17.05 -21.61 1.96
CA THR A 132 -18.24 -21.93 1.16
C THR A 132 -17.79 -22.56 -0.14
N ARG A 133 -16.72 -22.03 -0.75
CA ARG A 133 -16.16 -22.59 -1.97
C ARG A 133 -15.66 -24.02 -1.73
N VAL A 134 -14.78 -24.24 -0.71
CA VAL A 134 -14.27 -25.58 -0.40
C VAL A 134 -15.43 -26.57 -0.12
N LYS A 135 -16.50 -26.14 0.58
CA LYS A 135 -17.69 -26.96 0.87
C LYS A 135 -18.45 -27.35 -0.40
N LEU A 136 -18.53 -26.44 -1.39
CA LEU A 136 -19.22 -26.68 -2.66
C LEU A 136 -18.41 -27.61 -3.54
N PHE A 137 -17.07 -27.52 -3.41
CA PHE A 137 -16.10 -28.35 -4.10
C PHE A 137 -16.23 -29.79 -3.56
N GLU A 138 -16.44 -29.91 -2.23
CA GLU A 138 -16.60 -31.17 -1.52
C GLU A 138 -17.91 -31.83 -1.89
N LYS A 139 -19.01 -31.07 -1.85
CA LYS A 139 -20.36 -31.54 -2.20
C LYS A 139 -20.41 -32.13 -3.59
N TRP A 140 -19.81 -31.45 -4.56
CA TRP A 140 -19.84 -31.85 -5.95
C TRP A 140 -18.64 -32.73 -6.36
N GLY A 141 -17.84 -33.10 -5.36
CA GLY A 141 -16.68 -34.00 -5.48
C GLY A 141 -15.58 -33.58 -6.44
N TRP A 142 -15.07 -32.36 -6.26
CA TRP A 142 -13.99 -31.82 -7.09
C TRP A 142 -12.74 -31.62 -6.26
N LYS A 143 -11.58 -31.95 -6.84
CA LYS A 143 -10.28 -31.82 -6.16
C LYS A 143 -9.22 -31.12 -7.03
N LYS A 144 -9.62 -30.68 -8.24
CA LYS A 144 -8.75 -29.94 -9.17
C LYS A 144 -9.43 -28.61 -9.55
N ILE A 145 -8.87 -27.49 -9.03
CA ILE A 145 -9.43 -26.15 -9.23
C ILE A 145 -8.44 -25.20 -9.86
N ALA A 146 -8.91 -24.43 -10.84
CA ALA A 146 -8.13 -23.40 -11.48
C ALA A 146 -8.58 -22.07 -10.88
N THR A 147 -7.65 -21.13 -10.74
CA THR A 147 -7.97 -19.82 -10.21
C THR A 147 -7.50 -18.76 -11.19
N ILE A 148 -8.32 -17.72 -11.40
CA ILE A 148 -8.01 -16.55 -12.24
C ILE A 148 -8.37 -15.31 -11.45
N GLN A 149 -7.42 -14.37 -11.34
CA GLN A 149 -7.66 -13.16 -10.60
C GLN A 149 -7.22 -11.91 -11.33
N GLN A 150 -7.80 -10.77 -10.97
CA GLN A 150 -7.34 -9.46 -11.39
C GLN A 150 -6.22 -9.16 -10.34
N THR A 151 -5.21 -8.37 -10.70
CA THR A 151 -4.07 -8.01 -9.84
C THR A 151 -4.45 -6.91 -8.84
N THR A 152 -4.97 -7.31 -7.68
CA THR A 152 -5.34 -6.45 -6.56
C THR A 152 -4.91 -7.20 -5.31
N GLU A 153 -4.47 -6.47 -4.28
CA GLU A 153 -4.07 -7.02 -2.98
C GLU A 153 -5.21 -7.92 -2.42
N VAL A 154 -6.47 -7.41 -2.39
CA VAL A 154 -7.60 -8.17 -1.84
C VAL A 154 -7.77 -9.53 -2.54
N PHE A 155 -7.71 -9.55 -3.88
CA PHE A 155 -7.85 -10.79 -4.64
C PHE A 155 -6.67 -11.77 -4.43
N THR A 156 -5.43 -11.24 -4.31
CA THR A 156 -4.21 -12.04 -4.06
C THR A 156 -4.30 -12.68 -2.66
N SER A 157 -4.70 -11.89 -1.65
CA SER A 157 -4.91 -12.32 -0.26
C SER A 157 -6.01 -13.34 -0.16
N THR A 158 -7.09 -13.17 -0.94
CA THR A 158 -8.22 -14.10 -0.90
C THR A 158 -7.77 -15.46 -1.45
N LEU A 159 -7.03 -15.46 -2.56
CA LEU A 159 -6.52 -16.68 -3.18
C LEU A 159 -5.44 -17.35 -2.33
N ASP A 160 -4.62 -16.54 -1.63
CA ASP A 160 -3.61 -17.04 -0.67
C ASP A 160 -4.29 -17.82 0.46
N ASP A 161 -5.45 -17.32 0.93
CA ASP A 161 -6.25 -17.99 1.94
C ASP A 161 -6.91 -19.26 1.37
N LEU A 162 -7.37 -19.22 0.10
CA LEU A 162 -8.03 -20.36 -0.55
C LEU A 162 -7.09 -21.57 -0.73
N GLU A 163 -5.79 -21.29 -0.97
CA GLU A 163 -4.70 -22.25 -1.12
C GLU A 163 -4.57 -23.11 0.14
N GLU A 164 -4.48 -22.45 1.32
CA GLU A 164 -4.34 -23.17 2.58
C GLU A 164 -5.63 -23.92 2.99
N ARG A 165 -6.79 -23.42 2.55
CA ARG A 165 -8.08 -24.07 2.86
C ARG A 165 -8.37 -25.30 1.99
N VAL A 166 -7.90 -25.32 0.73
CA VAL A 166 -8.08 -26.47 -0.17
C VAL A 166 -7.14 -27.60 0.25
N LYS A 167 -5.92 -27.26 0.73
CA LYS A 167 -4.91 -28.22 1.20
C LYS A 167 -5.45 -29.08 2.35
N GLU A 168 -6.22 -28.45 3.26
CA GLU A 168 -6.88 -29.09 4.40
C GLU A 168 -7.98 -30.05 3.97
N ALA A 169 -8.64 -29.78 2.83
CA ALA A 169 -9.76 -30.59 2.33
C ALA A 169 -9.36 -31.65 1.31
N GLY A 170 -8.05 -31.78 1.07
CA GLY A 170 -7.47 -32.71 0.12
C GLY A 170 -7.80 -32.36 -1.32
N ILE A 171 -7.79 -31.04 -1.61
CA ILE A 171 -8.10 -30.42 -2.90
C ILE A 171 -6.87 -29.62 -3.32
N GLU A 172 -6.57 -29.53 -4.63
CA GLU A 172 -5.43 -28.77 -5.10
C GLU A 172 -5.76 -27.70 -6.13
N ILE A 173 -4.92 -26.63 -6.19
CA ILE A 173 -5.06 -25.59 -7.19
C ILE A 173 -4.15 -25.97 -8.36
N THR A 174 -4.76 -26.35 -9.50
CA THR A 174 -4.08 -26.74 -10.74
C THR A 174 -3.32 -25.57 -11.35
N PHE A 175 -4.03 -24.47 -11.67
CA PHE A 175 -3.44 -23.30 -12.34
C PHE A 175 -3.91 -21.98 -11.76
N ARG A 176 -2.98 -21.02 -11.67
CA ARG A 176 -3.26 -19.68 -11.17
C ARG A 176 -2.78 -18.65 -12.16
N GLN A 177 -3.71 -17.84 -12.68
CA GLN A 177 -3.43 -16.79 -13.66
C GLN A 177 -3.88 -15.43 -13.14
N SER A 178 -3.18 -14.37 -13.56
CA SER A 178 -3.45 -13.00 -13.15
C SER A 178 -3.43 -12.02 -14.33
N PHE A 179 -4.11 -10.87 -14.16
CA PHE A 179 -4.17 -9.82 -15.17
C PHE A 179 -4.40 -8.49 -14.49
N PHE A 180 -3.75 -7.42 -14.99
CA PHE A 180 -3.97 -6.10 -14.42
C PHE A 180 -5.29 -5.54 -14.95
N SER A 181 -5.44 -5.45 -16.28
CA SER A 181 -6.63 -4.90 -16.92
C SER A 181 -7.20 -5.79 -18.02
N ASP A 182 -6.33 -6.45 -18.82
CA ASP A 182 -6.74 -7.28 -19.97
C ASP A 182 -6.67 -8.79 -19.68
N PRO A 183 -7.82 -9.49 -19.68
CA PRO A 183 -7.81 -10.93 -19.35
C PRO A 183 -7.70 -11.90 -20.56
N ALA A 184 -7.28 -11.40 -21.75
CA ALA A 184 -7.21 -12.24 -22.95
C ALA A 184 -6.23 -13.42 -22.85
N VAL A 185 -4.97 -13.17 -22.41
CA VAL A 185 -3.96 -14.22 -22.29
C VAL A 185 -4.29 -15.18 -21.09
N PRO A 186 -4.70 -14.72 -19.86
CA PRO A 186 -5.06 -15.68 -18.81
C PRO A 186 -6.21 -16.64 -19.18
N VAL A 187 -7.30 -16.14 -19.83
CA VAL A 187 -8.44 -17.00 -20.20
C VAL A 187 -8.05 -18.01 -21.30
N LYS A 188 -7.19 -17.58 -22.26
CA LYS A 188 -6.67 -18.40 -23.35
C LYS A 188 -5.85 -19.56 -22.78
N ASN A 189 -5.09 -19.30 -21.69
CA ASN A 189 -4.30 -20.29 -20.99
C ASN A 189 -5.18 -21.31 -20.26
N LEU A 190 -6.34 -20.90 -19.68
CA LEU A 190 -7.24 -21.83 -18.99
C LEU A 190 -7.75 -22.92 -19.94
N LYS A 191 -8.06 -22.53 -21.18
CA LYS A 191 -8.51 -23.39 -22.27
C LYS A 191 -7.42 -24.41 -22.63
N ARG A 192 -6.14 -23.95 -22.74
CA ARG A 192 -4.97 -24.74 -23.09
C ARG A 192 -4.64 -25.88 -22.11
N GLN A 193 -4.84 -25.69 -20.79
CA GLN A 193 -4.57 -26.75 -19.81
C GLN A 193 -5.80 -27.54 -19.46
N ASP A 194 -6.93 -27.19 -20.12
CA ASP A 194 -8.23 -27.83 -19.99
C ASP A 194 -8.78 -27.83 -18.54
N ALA A 195 -8.76 -26.64 -17.90
CA ALA A 195 -9.25 -26.42 -16.54
C ALA A 195 -10.77 -26.55 -16.56
N ARG A 196 -11.36 -27.20 -15.55
CA ARG A 196 -12.82 -27.39 -15.58
C ARG A 196 -13.55 -26.55 -14.55
N ILE A 197 -13.10 -26.60 -13.28
CA ILE A 197 -13.66 -25.84 -12.16
C ILE A 197 -12.80 -24.60 -11.99
N ILE A 198 -13.38 -23.41 -12.24
CA ILE A 198 -12.61 -22.15 -12.19
C ILE A 198 -13.20 -21.18 -11.17
N VAL A 199 -12.33 -20.66 -10.30
CA VAL A 199 -12.65 -19.64 -9.31
C VAL A 199 -12.07 -18.40 -9.94
N GLY A 200 -12.97 -17.47 -10.34
CA GLY A 200 -12.61 -16.19 -10.93
C GLY A 200 -12.84 -15.00 -10.00
N LEU A 201 -11.78 -14.22 -9.67
CA LEU A 201 -11.84 -13.04 -8.77
C LEU A 201 -11.41 -11.75 -9.47
N PHE A 202 -12.37 -10.84 -9.68
CA PHE A 202 -12.15 -9.57 -10.38
C PHE A 202 -13.32 -8.66 -10.10
N TYR A 203 -13.13 -7.37 -10.39
CA TYR A 203 -14.22 -6.41 -10.26
C TYR A 203 -15.18 -6.59 -11.47
N GLU A 204 -16.33 -5.90 -11.45
CA GLU A 204 -17.37 -6.00 -12.45
C GLU A 204 -16.96 -5.62 -13.89
N THR A 205 -16.25 -4.51 -14.08
CA THR A 205 -15.75 -4.07 -15.39
C THR A 205 -14.86 -5.17 -15.97
N GLU A 206 -13.99 -5.77 -15.12
CA GLU A 206 -13.07 -6.85 -15.49
C GLU A 206 -13.78 -8.18 -15.68
N ALA A 207 -14.91 -8.41 -14.99
CA ALA A 207 -15.72 -9.61 -15.16
C ALA A 207 -16.33 -9.60 -16.58
N ARG A 208 -16.83 -8.43 -17.05
CA ARG A 208 -17.41 -8.29 -18.39
C ARG A 208 -16.36 -8.66 -19.43
N LYS A 209 -15.12 -8.18 -19.25
CA LYS A 209 -13.98 -8.47 -20.11
C LYS A 209 -13.59 -9.94 -20.05
N VAL A 210 -13.59 -10.56 -18.85
CA VAL A 210 -13.31 -11.98 -18.67
C VAL A 210 -14.35 -12.83 -19.44
N PHE A 211 -15.65 -12.56 -19.24
CA PHE A 211 -16.71 -13.34 -19.85
C PHE A 211 -16.91 -13.10 -21.34
N CYS A 212 -16.39 -11.99 -21.91
CA CYS A 212 -16.46 -11.83 -23.36
C CYS A 212 -15.42 -12.79 -23.92
N GLU A 213 -14.22 -12.74 -23.34
CA GLU A 213 -13.08 -13.58 -23.68
C GLU A 213 -13.43 -15.06 -23.50
N VAL A 214 -14.30 -15.40 -22.52
CA VAL A 214 -14.78 -16.76 -22.25
C VAL A 214 -15.70 -17.26 -23.38
N TYR A 215 -16.51 -16.36 -24.00
CA TYR A 215 -17.40 -16.73 -25.10
C TYR A 215 -16.58 -17.19 -26.30
N LYS A 216 -15.58 -16.38 -26.67
CA LYS A 216 -14.66 -16.57 -27.79
C LYS A 216 -13.96 -17.91 -27.76
N GLU A 217 -13.47 -18.31 -26.59
CA GLU A 217 -12.71 -19.53 -26.41
C GLU A 217 -13.58 -20.69 -25.95
N ARG A 218 -14.91 -20.54 -25.99
CA ARG A 218 -15.86 -21.58 -25.56
C ARG A 218 -15.52 -22.15 -24.18
N LEU A 219 -15.15 -21.29 -23.22
CA LEU A 219 -14.83 -21.73 -21.87
C LEU A 219 -16.09 -21.80 -20.98
N PHE A 220 -17.23 -22.07 -21.61
CA PHE A 220 -18.52 -22.22 -20.96
C PHE A 220 -19.25 -23.42 -21.55
N GLY A 221 -20.24 -23.93 -20.83
CA GLY A 221 -21.04 -25.08 -21.23
C GLY A 221 -21.05 -26.16 -20.17
N LYS A 222 -21.40 -27.41 -20.57
CA LYS A 222 -21.48 -28.60 -19.71
C LYS A 222 -20.18 -28.89 -18.98
N LYS A 223 -19.06 -28.69 -19.67
CA LYS A 223 -17.71 -28.95 -19.17
C LYS A 223 -17.24 -28.04 -18.02
N TYR A 224 -17.70 -26.77 -18.01
CA TYR A 224 -17.19 -25.75 -17.09
C TYR A 224 -18.14 -25.19 -16.06
N VAL A 225 -17.55 -24.91 -14.88
CA VAL A 225 -18.22 -24.30 -13.73
C VAL A 225 -17.36 -23.14 -13.26
N TRP A 226 -17.92 -21.93 -13.33
CA TRP A 226 -17.29 -20.71 -12.87
C TRP A 226 -17.84 -20.33 -11.52
N PHE A 227 -16.93 -20.02 -10.58
CA PHE A 227 -17.22 -19.55 -9.22
C PHE A 227 -16.82 -18.10 -9.20
N LEU A 228 -17.82 -17.23 -9.00
CA LEU A 228 -17.61 -15.79 -8.99
C LEU A 228 -18.09 -15.16 -7.70
N ILE A 229 -17.80 -13.85 -7.53
CA ILE A 229 -18.28 -13.11 -6.37
C ILE A 229 -19.70 -12.58 -6.69
N GLY A 230 -20.62 -12.74 -5.75
CA GLY A 230 -22.02 -12.38 -5.91
C GLY A 230 -22.38 -10.95 -5.57
N TRP A 231 -21.40 -10.00 -5.57
CA TRP A 231 -21.78 -8.62 -5.27
C TRP A 231 -21.91 -7.71 -6.51
N TYR A 232 -21.82 -8.27 -7.73
CA TYR A 232 -21.98 -7.50 -8.97
C TYR A 232 -23.41 -6.95 -9.07
N ALA A 233 -23.57 -5.89 -9.87
CA ALA A 233 -24.87 -5.27 -10.19
C ALA A 233 -25.72 -6.28 -10.89
N ASP A 234 -27.05 -6.17 -10.74
CA ASP A 234 -28.02 -7.02 -11.43
C ASP A 234 -27.80 -6.89 -12.94
N ASN A 235 -27.69 -8.04 -13.63
CA ASN A 235 -27.50 -8.13 -15.09
C ASN A 235 -26.22 -7.47 -15.59
N TRP A 236 -25.17 -7.52 -14.75
CA TRP A 236 -23.83 -7.00 -15.01
C TRP A 236 -23.28 -7.43 -16.37
N PHE A 237 -23.56 -8.68 -16.77
CA PHE A 237 -23.12 -9.29 -18.02
C PHE A 237 -23.81 -8.71 -19.26
N LYS A 238 -24.99 -8.11 -19.08
CA LYS A 238 -25.77 -7.46 -20.14
C LYS A 238 -25.37 -6.00 -20.31
N ILE A 239 -24.66 -5.41 -19.31
CA ILE A 239 -24.28 -4.00 -19.33
C ILE A 239 -23.39 -3.70 -20.53
N TYR A 240 -23.70 -2.60 -21.22
CA TYR A 240 -22.97 -2.10 -22.39
C TYR A 240 -21.58 -1.59 -22.04
N ASP A 241 -20.60 -2.13 -22.75
CA ASP A 241 -19.21 -1.75 -22.56
C ASP A 241 -18.57 -1.66 -23.95
N PRO A 242 -18.26 -0.44 -24.41
CA PRO A 242 -17.68 -0.24 -25.75
C PRO A 242 -16.34 -0.95 -25.99
N SER A 243 -15.59 -1.31 -24.94
CA SER A 243 -14.31 -2.00 -24.99
C SER A 243 -14.49 -3.54 -25.06
N ILE A 244 -15.75 -3.99 -25.21
CA ILE A 244 -16.11 -5.39 -25.29
C ILE A 244 -16.80 -5.66 -26.63
N ASN A 245 -16.30 -6.65 -27.38
CA ASN A 245 -16.83 -7.03 -28.69
C ASN A 245 -18.09 -7.89 -28.64
N CYS A 246 -18.21 -8.73 -27.60
CA CYS A 246 -19.34 -9.64 -27.42
C CYS A 246 -20.69 -8.94 -27.27
N THR A 247 -21.77 -9.63 -27.64
CA THR A 247 -23.14 -9.13 -27.59
C THR A 247 -23.82 -9.57 -26.28
N VAL A 248 -24.97 -8.95 -25.92
CA VAL A 248 -25.76 -9.29 -24.72
C VAL A 248 -26.09 -10.78 -24.71
N ASP A 249 -26.60 -11.31 -25.85
CA ASP A 249 -26.98 -12.71 -26.08
C ASP A 249 -25.84 -13.69 -25.88
N GLU A 250 -24.66 -13.36 -26.46
CA GLU A 250 -23.43 -14.14 -26.36
C GLU A 250 -22.96 -14.23 -24.91
N MET A 251 -23.03 -13.09 -24.19
CA MET A 251 -22.56 -13.06 -22.82
C MET A 251 -23.59 -13.56 -21.83
N THR A 252 -24.91 -13.54 -22.16
CA THR A 252 -25.95 -14.16 -21.31
C THR A 252 -25.70 -15.69 -21.41
N GLU A 253 -25.17 -16.10 -22.57
CA GLU A 253 -24.81 -17.46 -22.94
C GLU A 253 -23.56 -17.92 -22.17
N ALA A 254 -22.48 -17.12 -22.20
CA ALA A 254 -21.20 -17.39 -21.52
C ALA A 254 -21.31 -17.50 -19.99
N VAL A 255 -22.18 -16.71 -19.34
CA VAL A 255 -22.33 -16.69 -17.88
C VAL A 255 -23.29 -17.77 -17.36
N GLU A 256 -24.09 -18.37 -18.25
CA GLU A 256 -25.08 -19.40 -17.90
C GLU A 256 -24.53 -20.51 -16.99
N GLY A 257 -25.23 -20.77 -15.89
CA GLY A 257 -24.92 -21.80 -14.91
C GLY A 257 -23.89 -21.51 -13.85
N HIS A 258 -23.12 -20.39 -13.96
CA HIS A 258 -22.06 -20.02 -13.00
C HIS A 258 -22.58 -19.87 -11.55
N ILE A 259 -21.74 -20.24 -10.58
CA ILE A 259 -22.06 -20.16 -9.15
C ILE A 259 -21.48 -18.85 -8.57
N THR A 260 -22.21 -18.23 -7.59
CA THR A 260 -21.74 -17.05 -6.85
C THR A 260 -21.91 -17.28 -5.36
N THR A 261 -21.03 -16.64 -4.59
CA THR A 261 -21.04 -16.61 -3.13
C THR A 261 -21.15 -15.14 -2.75
N GLU A 262 -21.89 -14.86 -1.68
CA GLU A 262 -22.10 -13.49 -1.22
C GLU A 262 -22.29 -13.53 0.27
N ILE A 263 -21.63 -12.63 0.99
CA ILE A 263 -21.75 -12.56 2.45
C ILE A 263 -23.16 -12.05 2.82
N VAL A 264 -23.85 -12.73 3.74
CA VAL A 264 -25.17 -12.35 4.21
C VAL A 264 -24.98 -11.18 5.18
N MET A 265 -25.65 -10.04 4.91
CA MET A 265 -25.58 -8.81 5.73
C MET A 265 -26.91 -8.49 6.46
N LEU A 266 -28.01 -9.16 6.08
CA LEU A 266 -29.32 -8.97 6.70
C LEU A 266 -29.96 -10.32 6.87
N ASN A 267 -30.43 -10.63 8.09
CA ASN A 267 -31.05 -11.92 8.35
C ASN A 267 -32.28 -12.20 7.44
N PRO A 268 -32.22 -13.22 6.55
CA PRO A 268 -33.39 -13.53 5.69
C PRO A 268 -34.61 -14.05 6.47
N ALA A 269 -34.39 -14.55 7.71
CA ALA A 269 -35.43 -14.98 8.66
C ALA A 269 -36.20 -13.77 9.20
N ASN A 270 -37.46 -13.98 9.65
CA ASN A 270 -38.34 -12.93 10.17
C ASN A 270 -38.34 -12.90 11.72
N THR A 271 -37.25 -13.42 12.33
CA THR A 271 -37.03 -13.49 13.79
C THR A 271 -36.71 -12.12 14.38
N ARG A 272 -36.85 -11.97 15.71
CA ARG A 272 -36.54 -10.73 16.41
C ARG A 272 -35.21 -10.88 17.10
N SER A 273 -34.28 -9.94 16.86
CA SER A 273 -32.94 -10.00 17.41
C SER A 273 -32.85 -9.31 18.76
N ILE A 274 -31.62 -9.00 19.27
CA ILE A 274 -31.45 -8.39 20.60
C ILE A 274 -32.27 -7.09 20.77
N SER A 275 -32.36 -6.24 19.74
CA SER A 275 -33.11 -4.97 19.77
C SER A 275 -34.63 -5.15 19.77
N ASN A 276 -35.10 -6.37 19.46
CA ASN A 276 -36.49 -6.84 19.33
C ASN A 276 -37.09 -6.37 18.01
N MET A 277 -36.23 -6.00 17.07
CA MET A 277 -36.66 -5.63 15.72
C MET A 277 -36.50 -6.84 14.84
N THR A 278 -37.18 -6.83 13.71
CA THR A 278 -37.05 -7.84 12.66
C THR A 278 -36.19 -7.14 11.56
N SER A 279 -35.64 -7.92 10.61
CA SER A 279 -34.82 -7.39 9.50
C SER A 279 -35.62 -6.36 8.72
N GLN A 280 -36.88 -6.71 8.43
CA GLN A 280 -37.89 -5.92 7.71
C GLN A 280 -38.19 -4.60 8.46
N GLU A 281 -38.28 -4.65 9.80
CA GLU A 281 -38.54 -3.47 10.63
C GLU A 281 -37.32 -2.57 10.64
N PHE A 282 -36.10 -3.16 10.77
CA PHE A 282 -34.86 -2.38 10.73
C PHE A 282 -34.79 -1.57 9.44
N VAL A 283 -35.00 -2.25 8.28
CA VAL A 283 -34.98 -1.65 6.94
C VAL A 283 -36.01 -0.51 6.83
N GLU A 284 -37.26 -0.74 7.30
CA GLU A 284 -38.32 0.26 7.24
C GLU A 284 -37.96 1.45 8.13
N LYS A 285 -37.44 1.18 9.34
CA LYS A 285 -37.02 2.23 10.28
C LYS A 285 -35.85 3.05 9.70
N LEU A 286 -34.87 2.39 9.09
CA LEU A 286 -33.72 3.06 8.48
C LEU A 286 -34.14 3.91 7.28
N THR A 287 -35.02 3.37 6.38
CA THR A 287 -35.52 4.10 5.19
C THR A 287 -36.13 5.47 5.59
N LYS A 288 -36.78 5.54 6.77
CA LYS A 288 -37.41 6.75 7.31
C LYS A 288 -36.42 7.87 7.69
N ARG A 289 -35.23 7.54 8.25
CA ARG A 289 -34.26 8.60 8.58
C ARG A 289 -33.49 9.14 7.37
N LEU A 290 -33.54 8.44 6.25
CA LEU A 290 -32.78 8.83 5.07
C LEU A 290 -33.40 9.94 4.22
N LYS A 291 -32.53 10.89 3.80
CA LYS A 291 -32.81 12.04 2.93
C LYS A 291 -33.24 11.57 1.54
N ARG A 292 -32.60 10.51 1.02
CA ARG A 292 -32.88 9.92 -0.29
C ARG A 292 -33.26 8.45 -0.18
N HIS A 293 -33.63 7.84 -1.31
CA HIS A 293 -34.03 6.43 -1.38
C HIS A 293 -32.86 5.47 -1.06
N PRO A 294 -33.15 4.25 -0.51
CA PRO A 294 -32.07 3.29 -0.23
C PRO A 294 -31.12 3.06 -1.42
N GLU A 295 -31.68 3.04 -2.66
CA GLU A 295 -30.96 2.86 -3.93
C GLU A 295 -29.91 3.96 -4.15
N GLU A 296 -30.19 5.18 -3.67
CA GLU A 296 -29.31 6.34 -3.75
C GLU A 296 -28.31 6.39 -2.59
N THR A 297 -28.65 5.79 -1.43
CA THR A 297 -27.86 5.84 -0.20
C THR A 297 -26.72 4.81 -0.15
N GLY A 298 -25.50 5.33 -0.03
CA GLY A 298 -24.30 4.52 0.10
C GLY A 298 -24.29 3.78 1.42
N GLY A 299 -23.89 2.51 1.37
CA GLY A 299 -23.78 1.64 2.54
C GLY A 299 -25.08 1.12 3.11
N PHE A 300 -26.15 1.10 2.28
CA PHE A 300 -27.47 0.62 2.71
C PHE A 300 -27.44 -0.87 3.04
N GLN A 301 -26.78 -1.70 2.21
CA GLN A 301 -26.67 -3.14 2.49
C GLN A 301 -25.76 -3.43 3.71
N GLU A 302 -24.78 -2.54 4.01
CA GLU A 302 -23.88 -2.74 5.17
C GLU A 302 -24.46 -2.12 6.43
N ALA A 303 -25.47 -1.22 6.30
CA ALA A 303 -26.12 -0.55 7.45
C ALA A 303 -26.48 -1.48 8.65
N PRO A 304 -26.97 -2.74 8.46
CA PRO A 304 -27.18 -3.63 9.64
C PRO A 304 -25.90 -3.99 10.41
N LEU A 305 -24.73 -3.99 9.73
CA LEU A 305 -23.44 -4.33 10.37
C LEU A 305 -23.03 -3.19 11.27
N ALA A 306 -23.30 -1.95 10.83
CA ALA A 306 -23.02 -0.73 11.61
C ALA A 306 -23.90 -0.69 12.85
N TYR A 307 -25.16 -1.14 12.70
CA TYR A 307 -26.16 -1.23 13.76
C TYR A 307 -25.70 -2.25 14.78
N ASP A 308 -25.24 -3.40 14.29
CA ASP A 308 -24.74 -4.48 15.15
C ASP A 308 -23.44 -4.18 15.84
N ALA A 309 -22.61 -3.26 15.27
CA ALA A 309 -21.31 -2.92 15.86
C ALA A 309 -21.53 -2.15 17.14
N ILE A 310 -22.51 -1.24 17.15
CA ILE A 310 -22.88 -0.49 18.35
C ILE A 310 -23.36 -1.47 19.44
N TRP A 311 -24.19 -2.48 19.05
CA TRP A 311 -24.64 -3.50 20.02
C TRP A 311 -23.49 -4.35 20.55
N ALA A 312 -22.54 -4.75 19.66
CA ALA A 312 -21.38 -5.54 20.10
C ALA A 312 -20.59 -4.76 21.15
N LEU A 313 -20.36 -3.45 20.91
CA LEU A 313 -19.65 -2.61 21.86
C LEU A 313 -20.46 -2.43 23.17
N ALA A 314 -21.74 -2.07 23.07
CA ALA A 314 -22.63 -1.89 24.20
C ALA A 314 -22.62 -3.12 25.11
N LEU A 315 -22.80 -4.32 24.54
CA LEU A 315 -22.80 -5.60 25.25
C LEU A 315 -21.45 -5.95 25.87
N ALA A 316 -20.33 -5.54 25.20
CA ALA A 316 -18.97 -5.75 25.72
C ALA A 316 -18.69 -4.80 26.89
N LEU A 317 -19.07 -3.49 26.73
CA LEU A 317 -18.97 -2.46 27.77
C LEU A 317 -19.87 -2.85 28.94
N ASN A 318 -20.98 -3.56 28.64
CA ASN A 318 -21.92 -4.03 29.65
C ASN A 318 -21.29 -5.13 30.51
N LYS A 319 -20.56 -6.07 29.88
CA LYS A 319 -19.87 -7.17 30.57
C LYS A 319 -18.75 -6.66 31.49
N THR A 320 -18.09 -5.55 31.13
CA THR A 320 -17.00 -5.02 31.93
C THR A 320 -17.49 -3.96 32.93
N SER A 321 -18.19 -2.91 32.42
CA SER A 321 -18.74 -1.72 33.11
C SER A 321 -17.71 -0.65 33.46
N ARG A 330 -16.18 1.23 35.43
CA ARG A 330 -15.11 2.20 35.65
C ARG A 330 -14.64 2.80 34.31
N LEU A 331 -15.55 2.86 33.34
CA LEU A 331 -15.31 3.35 31.98
C LEU A 331 -14.79 4.80 31.92
N GLU A 332 -15.26 5.69 32.83
CA GLU A 332 -14.85 7.10 32.93
C GLU A 332 -13.34 7.30 33.25
N ASP A 333 -12.71 6.25 33.80
CA ASP A 333 -11.30 6.24 34.21
C ASP A 333 -10.36 5.97 33.04
N PHE A 334 -10.93 5.63 31.85
CA PHE A 334 -10.15 5.34 30.66
C PHE A 334 -9.21 6.48 30.28
N ASN A 335 -7.95 6.14 30.05
CA ASN A 335 -6.93 7.06 29.59
C ASN A 335 -6.12 6.35 28.47
N TYR A 336 -5.54 7.15 27.55
CA TYR A 336 -4.77 6.64 26.41
C TYR A 336 -3.42 5.99 26.81
N ASN A 337 -2.95 6.23 28.03
CA ASN A 337 -1.69 5.68 28.50
C ASN A 337 -1.84 4.36 29.27
N ASN A 338 -3.07 3.83 29.38
CA ASN A 338 -3.35 2.62 30.14
C ASN A 338 -4.09 1.55 29.35
N GLN A 339 -3.54 0.33 29.42
CA GLN A 339 -3.93 -0.94 28.81
C GLN A 339 -5.04 -1.69 29.58
N THR A 340 -5.18 -1.44 30.91
CA THR A 340 -6.08 -2.13 31.83
C THR A 340 -7.49 -2.28 31.26
N ILE A 341 -8.24 -1.17 31.12
CA ILE A 341 -9.61 -1.17 30.58
C ILE A 341 -9.66 -1.73 29.14
N THR A 342 -8.67 -1.38 28.29
CA THR A 342 -8.58 -1.85 26.90
C THR A 342 -8.62 -3.39 26.84
N ASP A 343 -7.71 -4.04 27.59
CA ASP A 343 -7.59 -5.49 27.66
C ASP A 343 -8.85 -6.16 28.16
N GLN A 344 -9.61 -5.48 29.06
CA GLN A 344 -10.88 -5.98 29.56
C GLN A 344 -11.98 -5.88 28.50
N ILE A 345 -12.02 -4.74 27.73
CA ILE A 345 -12.96 -4.55 26.61
C ILE A 345 -12.62 -5.58 25.53
N TYR A 346 -11.32 -5.79 25.27
CA TYR A 346 -10.82 -6.74 24.27
C TYR A 346 -11.35 -8.14 24.56
N ARG A 347 -11.19 -8.59 25.83
CA ARG A 347 -11.67 -9.89 26.28
C ARG A 347 -13.18 -9.99 26.10
N ALA A 348 -13.94 -8.98 26.53
CA ALA A 348 -15.40 -8.96 26.37
C ALA A 348 -15.81 -8.96 24.86
N MET A 349 -15.07 -8.20 24.01
CA MET A 349 -15.38 -8.13 22.57
C MET A 349 -15.13 -9.46 21.89
N ASN A 350 -14.06 -10.13 22.31
CA ASN A 350 -13.64 -11.43 21.82
C ASN A 350 -14.68 -12.49 22.19
N SER A 351 -15.38 -12.31 23.33
CA SER A 351 -16.39 -13.27 23.79
C SER A 351 -17.81 -12.93 23.30
N SER A 352 -17.93 -11.99 22.33
CA SER A 352 -19.22 -11.58 21.76
C SER A 352 -19.97 -12.79 21.19
N SER A 353 -21.26 -12.87 21.49
CA SER A 353 -22.19 -13.90 21.00
C SER A 353 -23.60 -13.40 21.24
N PHE A 354 -24.25 -12.86 20.19
CA PHE A 354 -25.60 -12.32 20.27
C PHE A 354 -26.23 -12.29 18.90
N GLU A 355 -27.55 -12.11 18.86
CA GLU A 355 -28.31 -12.03 17.62
C GLU A 355 -28.53 -10.58 17.30
N GLY A 356 -28.05 -10.18 16.12
CA GLY A 356 -28.21 -8.81 15.62
C GLY A 356 -29.07 -8.79 14.38
N VAL A 357 -29.33 -7.61 13.81
CA VAL A 357 -30.13 -7.49 12.60
C VAL A 357 -29.44 -8.19 11.38
N SER A 358 -28.09 -8.35 11.43
CA SER A 358 -27.30 -9.03 10.37
C SER A 358 -27.21 -10.53 10.58
N GLY A 359 -27.70 -10.99 11.73
CA GLY A 359 -27.70 -12.40 12.11
C GLY A 359 -26.90 -12.59 13.38
N HIS A 360 -26.39 -13.79 13.60
CA HIS A 360 -25.59 -14.10 14.77
C HIS A 360 -24.22 -13.41 14.66
N VAL A 361 -23.87 -12.64 15.69
CA VAL A 361 -22.63 -11.88 15.72
C VAL A 361 -21.60 -12.57 16.62
N VAL A 362 -20.49 -13.03 15.99
CA VAL A 362 -19.34 -13.64 16.65
C VAL A 362 -18.10 -13.25 15.88
N PHE A 363 -16.96 -13.14 16.57
CA PHE A 363 -15.67 -12.83 15.93
C PHE A 363 -14.74 -14.01 16.04
N ASP A 364 -13.87 -14.19 15.03
CA ASP A 364 -12.85 -15.25 15.07
C ASP A 364 -11.64 -14.72 15.88
N ALA A 365 -10.54 -15.51 15.98
CA ALA A 365 -9.32 -15.09 16.70
C ALA A 365 -8.68 -13.80 16.13
N SER A 366 -8.88 -13.51 14.85
CA SER A 366 -8.35 -12.30 14.20
C SER A 366 -9.26 -11.05 14.38
N GLY A 367 -10.43 -11.24 14.98
CA GLY A 367 -11.40 -10.18 15.22
C GLY A 367 -12.37 -9.99 14.07
N SER A 368 -12.31 -10.87 13.07
CA SER A 368 -13.17 -10.82 11.90
C SER A 368 -14.47 -11.52 12.14
N ARG A 369 -15.56 -10.88 11.68
CA ARG A 369 -16.93 -11.35 11.79
C ARG A 369 -17.14 -12.70 11.10
N MET A 370 -17.89 -13.61 11.74
CA MET A 370 -18.29 -14.91 11.21
C MET A 370 -19.76 -14.77 10.86
N ALA A 371 -20.09 -15.09 9.61
CA ALA A 371 -21.43 -14.92 9.08
C ALA A 371 -21.77 -15.98 8.06
N TRP A 372 -23.07 -16.06 7.70
CA TRP A 372 -23.59 -16.95 6.69
C TRP A 372 -23.23 -16.39 5.31
N THR A 373 -23.24 -17.26 4.30
CA THR A 373 -23.03 -16.90 2.90
C THR A 373 -24.23 -17.37 2.11
N LEU A 374 -24.63 -16.59 1.12
CA LEU A 374 -25.72 -16.90 0.20
C LEU A 374 -25.08 -17.46 -1.07
N ILE A 375 -25.54 -18.63 -1.49
CA ILE A 375 -25.06 -19.34 -2.67
C ILE A 375 -26.15 -19.26 -3.74
N GLU A 376 -25.78 -18.77 -4.90
CA GLU A 376 -26.71 -18.63 -6.02
C GLU A 376 -26.13 -19.20 -7.29
N GLN A 377 -26.99 -19.49 -8.27
CA GLN A 377 -26.58 -19.99 -9.58
C GLN A 377 -27.34 -19.21 -10.67
N LEU A 378 -26.65 -18.82 -11.74
CA LEU A 378 -27.33 -18.13 -12.82
C LEU A 378 -28.07 -19.13 -13.75
N GLN A 379 -29.39 -19.19 -13.65
CA GLN A 379 -30.24 -20.09 -14.42
C GLN A 379 -31.15 -19.29 -15.32
N GLY A 380 -30.98 -19.44 -16.62
CA GLY A 380 -31.76 -18.75 -17.64
C GLY A 380 -31.62 -17.24 -17.59
N GLY A 381 -30.39 -16.78 -17.40
CA GLY A 381 -30.05 -15.36 -17.31
C GLY A 381 -30.44 -14.68 -16.01
N SER A 382 -30.87 -15.46 -15.01
CA SER A 382 -31.29 -14.93 -13.71
C SER A 382 -30.71 -15.74 -12.56
N TYR A 383 -30.27 -15.06 -11.47
CA TYR A 383 -29.74 -15.73 -10.29
C TYR A 383 -30.87 -16.31 -9.47
N LYS A 384 -30.67 -17.54 -9.02
CA LYS A 384 -31.61 -18.30 -8.20
C LYS A 384 -30.87 -18.78 -6.96
N LYS A 385 -31.47 -18.59 -5.78
CA LYS A 385 -30.92 -18.99 -4.48
C LYS A 385 -30.90 -20.51 -4.38
N ILE A 386 -29.68 -21.08 -4.36
CA ILE A 386 -29.48 -22.53 -4.28
C ILE A 386 -29.10 -22.98 -2.85
N GLY A 387 -28.96 -22.04 -1.92
CA GLY A 387 -28.64 -22.33 -0.52
C GLY A 387 -27.84 -21.32 0.27
N TYR A 388 -27.48 -21.70 1.52
CA TYR A 388 -26.69 -20.92 2.49
C TYR A 388 -25.68 -21.80 3.24
N TYR A 389 -24.51 -21.25 3.56
CA TYR A 389 -23.52 -22.00 4.34
C TYR A 389 -23.02 -21.20 5.56
N ASP A 390 -22.97 -21.88 6.72
CA ASP A 390 -22.48 -21.35 8.00
C ASP A 390 -21.18 -22.09 8.27
N SER A 391 -20.07 -21.41 8.01
CA SER A 391 -18.70 -21.88 8.15
C SER A 391 -18.35 -22.33 9.59
N THR A 392 -18.83 -21.61 10.62
CA THR A 392 -18.49 -21.91 12.01
C THR A 392 -19.14 -23.20 12.52
N LYS A 393 -20.36 -23.50 12.08
CA LYS A 393 -21.08 -24.70 12.50
C LYS A 393 -21.19 -25.76 11.40
N ASP A 394 -20.42 -25.64 10.29
CA ASP A 394 -20.44 -26.52 9.11
C ASP A 394 -21.88 -26.90 8.72
N ASP A 395 -22.72 -25.87 8.59
CA ASP A 395 -24.13 -25.99 8.30
C ASP A 395 -24.49 -25.51 6.89
N LEU A 396 -24.85 -26.46 6.02
CA LEU A 396 -25.28 -26.17 4.65
C LEU A 396 -26.79 -26.37 4.53
N SER A 397 -27.49 -25.33 4.05
CA SER A 397 -28.92 -25.40 3.78
C SER A 397 -29.04 -25.60 2.27
N TRP A 398 -29.52 -26.77 1.82
CA TRP A 398 -29.67 -27.00 0.38
C TRP A 398 -31.11 -26.80 -0.06
N SER A 399 -31.31 -25.96 -1.10
CA SER A 399 -32.61 -25.60 -1.66
C SER A 399 -33.12 -26.60 -2.69
N LYS A 400 -32.21 -27.35 -3.34
CA LYS A 400 -32.47 -28.33 -4.42
C LYS A 400 -33.02 -27.57 -5.63
N THR A 401 -32.48 -26.35 -5.85
CA THR A 401 -32.85 -25.42 -6.91
C THR A 401 -31.80 -25.40 -8.02
N ASP A 402 -30.58 -25.93 -7.75
CA ASP A 402 -29.47 -25.93 -8.73
C ASP A 402 -29.74 -26.85 -9.92
N LYS A 403 -29.25 -26.44 -11.09
CA LYS A 403 -29.47 -27.12 -12.36
C LYS A 403 -28.20 -27.29 -13.16
N TRP A 404 -28.07 -28.44 -13.84
CA TRP A 404 -26.92 -28.81 -14.67
C TRP A 404 -27.42 -29.44 -15.95
N ILE A 405 -26.67 -29.28 -17.06
CA ILE A 405 -27.05 -29.81 -18.37
C ILE A 405 -27.05 -31.35 -18.38
N GLY A 406 -26.00 -31.96 -17.84
CA GLY A 406 -25.90 -33.41 -17.75
C GLY A 406 -27.01 -34.03 -16.91
N GLY A 407 -27.62 -33.21 -16.06
CA GLY A 407 -28.65 -33.61 -15.11
C GLY A 407 -27.98 -33.77 -13.77
N SER A 408 -26.65 -33.52 -13.77
CA SER A 408 -25.74 -33.60 -12.64
C SER A 408 -24.47 -32.74 -12.89
N PRO A 409 -23.88 -32.17 -11.81
CA PRO A 409 -22.65 -31.38 -11.98
C PRO A 409 -21.53 -32.19 -12.61
N PRO A 410 -20.73 -31.60 -13.55
CA PRO A 410 -19.65 -32.36 -14.19
C PRO A 410 -18.46 -32.64 -13.28
N ALA A 411 -17.26 -32.73 -13.88
CA ALA A 411 -16.05 -33.00 -13.15
C ALA A 411 -14.87 -32.18 -13.63
N ASP A 412 -13.85 -32.10 -12.78
CA ASP A 412 -12.55 -31.44 -12.91
C ASP A 412 -11.64 -32.03 -13.99
N ASP A 413 -11.97 -33.26 -14.44
CA ASP A 413 -11.18 -34.07 -15.37
C ASP A 413 -11.71 -34.19 -16.79
N TYR A 414 -10.80 -34.65 -17.68
CA TYR A 414 -11.07 -35.03 -19.05
C TYR A 414 -11.45 -36.52 -18.94
N SER B 12 15.34 37.95 17.16
CA SER B 12 15.38 36.88 16.17
C SER B 12 14.19 35.92 16.30
N PRO B 13 13.06 36.15 15.59
CA PRO B 13 11.95 35.19 15.68
C PRO B 13 12.29 33.88 14.95
N PRO B 14 12.02 32.71 15.56
CA PRO B 14 12.35 31.44 14.89
C PRO B 14 11.41 31.09 13.76
N LEU B 15 11.94 30.39 12.75
CA LEU B 15 11.17 29.81 11.65
C LEU B 15 11.27 28.31 11.93
N SER B 16 10.23 27.75 12.55
CA SER B 16 10.23 26.37 13.01
C SER B 16 9.97 25.35 11.91
N ILE B 17 10.76 24.27 11.94
CA ILE B 17 10.69 23.17 10.96
C ILE B 17 10.58 21.83 11.70
N MET B 18 9.60 21.03 11.31
CA MET B 18 9.38 19.74 11.92
C MET B 18 10.28 18.67 11.28
N GLY B 19 11.34 18.31 12.00
CA GLY B 19 12.29 17.28 11.61
C GLY B 19 11.74 15.93 12.02
N LEU B 20 11.51 15.03 11.06
CA LEU B 20 10.95 13.71 11.32
C LEU B 20 11.87 12.65 10.74
N MET B 21 12.39 11.76 11.60
CA MET B 21 13.31 10.71 11.15
C MET B 21 13.60 9.72 12.26
N PRO B 22 14.07 8.49 11.95
CA PRO B 22 14.47 7.55 13.02
C PRO B 22 15.81 8.00 13.59
N LEU B 23 15.84 8.24 14.90
CA LEU B 23 17.04 8.77 15.56
C LEU B 23 17.64 7.81 16.59
N THR B 24 16.86 6.85 17.06
CA THR B 24 17.19 5.87 18.10
C THR B 24 18.10 4.71 17.63
N LYS B 25 19.08 4.32 18.48
CA LYS B 25 20.03 3.22 18.25
C LYS B 25 19.34 1.86 18.20
N GLU B 26 18.14 1.78 18.83
CA GLU B 26 17.26 0.61 18.88
C GLU B 26 16.64 0.29 17.52
N VAL B 27 16.65 1.26 16.61
CA VAL B 27 16.11 1.14 15.26
C VAL B 27 17.28 1.20 14.26
N ALA B 28 17.35 0.20 13.37
CA ALA B 28 18.40 0.03 12.35
C ALA B 28 18.56 1.22 11.40
N LYS B 29 17.42 1.85 10.98
CA LYS B 29 17.43 3.01 10.09
C LYS B 29 17.76 4.31 10.83
N GLY B 30 17.91 4.20 12.17
CA GLY B 30 18.33 5.26 13.08
C GLY B 30 19.72 5.79 12.70
N SER B 31 20.51 4.96 11.98
CA SER B 31 21.82 5.31 11.45
C SER B 31 21.74 6.34 10.32
N ILE B 32 20.62 6.38 9.56
CA ILE B 32 20.43 7.38 8.49
C ILE B 32 20.18 8.73 9.15
N GLY B 33 19.24 8.78 10.10
CA GLY B 33 18.89 9.99 10.85
C GLY B 33 20.10 10.61 11.55
N ARG B 34 20.87 9.80 12.30
CA ARG B 34 22.07 10.25 13.03
C ARG B 34 23.25 10.57 12.10
N GLY B 35 23.40 9.80 11.03
CA GLY B 35 24.43 10.01 10.02
C GLY B 35 24.30 11.33 9.29
N VAL B 36 23.05 11.81 9.13
CA VAL B 36 22.78 13.07 8.42
C VAL B 36 22.78 14.27 9.35
N LEU B 37 22.56 14.09 10.67
CA LEU B 37 22.51 15.23 11.62
C LEU B 37 23.78 16.12 11.60
N PRO B 38 25.03 15.62 11.48
CA PRO B 38 26.17 16.57 11.40
C PRO B 38 26.14 17.48 10.17
N ALA B 39 25.63 16.97 9.02
CA ALA B 39 25.46 17.69 7.74
C ALA B 39 24.41 18.81 7.94
N VAL B 40 23.27 18.45 8.57
CA VAL B 40 22.16 19.33 8.92
C VAL B 40 22.65 20.47 9.86
N GLU B 41 23.47 20.13 10.89
CA GLU B 41 24.03 21.12 11.83
C GLU B 41 24.94 22.11 11.10
N LEU B 42 25.79 21.63 10.19
CA LEU B 42 26.66 22.52 9.40
C LEU B 42 25.88 23.53 8.55
N ALA B 43 24.77 23.12 7.93
CA ALA B 43 23.95 24.00 7.10
C ALA B 43 23.22 25.03 7.98
N ILE B 44 22.58 24.56 9.06
CA ILE B 44 21.87 25.40 10.05
C ILE B 44 22.83 26.45 10.68
N GLU B 45 24.04 26.04 11.06
CA GLU B 45 25.11 26.90 11.62
C GLU B 45 25.47 28.05 10.71
N GLN B 46 25.81 27.75 9.43
CA GLN B 46 26.17 28.76 8.44
C GLN B 46 25.04 29.75 8.21
N ILE B 47 23.79 29.27 8.09
CA ILE B 47 22.64 30.14 7.85
C ILE B 47 22.46 31.17 9.01
N ARG B 48 22.62 30.73 10.25
CA ARG B 48 22.55 31.59 11.43
C ARG B 48 23.74 32.52 11.52
N ASN B 49 24.98 31.97 11.43
CA ASN B 49 26.26 32.69 11.50
C ASN B 49 26.30 33.85 10.51
N GLU B 50 25.80 33.63 9.29
CA GLU B 50 25.78 34.60 8.22
C GLU B 50 24.47 35.40 8.18
N SER B 51 23.55 35.10 9.13
CA SER B 51 22.22 35.75 9.28
C SER B 51 21.46 35.83 7.95
N LEU B 52 21.58 34.78 7.12
CA LEU B 52 20.98 34.70 5.79
C LEU B 52 19.48 34.94 5.77
N LEU B 53 18.78 34.58 6.85
CA LEU B 53 17.32 34.78 6.92
C LEU B 53 16.93 35.90 7.87
N ARG B 54 17.86 36.85 8.17
CA ARG B 54 17.57 37.95 9.11
C ARG B 54 16.29 38.73 8.71
N PRO B 55 15.44 39.08 9.69
CA PRO B 55 15.60 38.98 11.16
C PRO B 55 15.55 37.58 11.81
N TYR B 56 14.96 36.62 11.08
CA TYR B 56 14.72 35.25 11.54
C TYR B 56 15.91 34.32 11.59
N PHE B 57 15.78 33.24 12.39
CA PHE B 57 16.74 32.14 12.50
C PHE B 57 15.99 30.84 12.24
N LEU B 58 16.63 29.90 11.55
CA LEU B 58 16.05 28.59 11.20
C LEU B 58 16.07 27.67 12.42
N ASP B 59 14.86 27.34 12.90
CA ASP B 59 14.62 26.53 14.08
C ASP B 59 14.14 25.08 13.75
N LEU B 60 15.07 24.16 13.71
CA LEU B 60 14.73 22.78 13.45
C LEU B 60 14.50 22.00 14.75
N ARG B 61 13.29 21.48 14.90
CA ARG B 61 12.92 20.65 16.05
C ARG B 61 13.00 19.21 15.55
N LEU B 62 13.55 18.30 16.37
CA LEU B 62 13.67 16.89 15.96
C LEU B 62 12.70 16.00 16.72
N TYR B 63 12.02 15.10 16.00
CA TYR B 63 11.08 14.15 16.59
C TYR B 63 11.40 12.81 15.95
N ASP B 64 11.53 11.80 16.79
CA ASP B 64 11.93 10.44 16.41
C ASP B 64 10.71 9.61 15.90
N THR B 65 10.75 9.14 14.65
CA THR B 65 9.64 8.33 14.10
C THR B 65 9.81 6.84 14.48
N GLU B 66 11.07 6.42 14.78
CA GLU B 66 11.47 5.06 15.15
C GLU B 66 11.24 4.09 14.00
N CYS B 67 11.12 4.62 12.77
CA CYS B 67 10.89 3.82 11.56
C CYS B 67 9.62 2.93 11.73
N ASP B 68 8.65 3.42 12.48
CA ASP B 68 7.43 2.68 12.78
C ASP B 68 6.22 3.51 12.41
N ASN B 69 5.23 2.89 11.76
CA ASN B 69 3.99 3.58 11.37
C ASN B 69 3.29 4.28 12.51
N ALA B 70 2.96 3.55 13.63
CA ALA B 70 2.26 4.08 14.80
C ALA B 70 3.08 5.11 15.58
N LYS B 71 4.35 4.77 15.93
CA LYS B 71 5.26 5.69 16.64
C LYS B 71 5.51 6.96 15.81
N GLY B 72 5.68 6.78 14.50
CA GLY B 72 5.88 7.88 13.55
C GLY B 72 4.70 8.82 13.47
N LEU B 73 3.48 8.28 13.40
CA LEU B 73 2.28 9.10 13.37
C LEU B 73 2.10 9.84 14.69
N LYS B 74 2.34 9.16 15.81
CA LYS B 74 2.24 9.81 17.13
C LYS B 74 3.31 10.91 17.26
N ALA B 75 4.53 10.66 16.75
CA ALA B 75 5.61 11.66 16.78
C ALA B 75 5.16 12.91 16.03
N PHE B 76 4.49 12.71 14.91
CA PHE B 76 3.98 13.82 14.12
C PHE B 76 2.80 14.56 14.84
N TYR B 77 1.85 13.80 15.41
CA TYR B 77 0.70 14.34 16.15
C TYR B 77 1.20 15.14 17.38
N ASP B 78 2.18 14.57 18.13
CA ASP B 78 2.79 15.20 19.31
C ASP B 78 3.55 16.49 18.98
N ALA B 79 4.15 16.55 17.77
CA ALA B 79 4.84 17.72 17.26
C ALA B 79 3.80 18.84 17.00
N ILE B 80 2.67 18.50 16.34
CA ILE B 80 1.60 19.47 16.08
C ILE B 80 1.00 19.97 17.40
N LYS B 81 0.63 19.04 18.30
CA LYS B 81 0.03 19.37 19.58
C LYS B 81 0.90 20.20 20.52
N TYR B 82 2.08 19.68 20.87
CA TYR B 82 2.94 20.26 21.89
C TYR B 82 4.09 21.09 21.38
N GLY B 83 4.41 20.99 20.10
CA GLY B 83 5.54 21.73 19.54
C GLY B 83 5.20 23.12 19.07
N PRO B 84 6.20 23.91 18.61
CA PRO B 84 5.92 25.26 18.11
C PRO B 84 5.18 25.19 16.77
N ASN B 85 4.83 26.34 16.20
CA ASN B 85 4.14 26.31 14.92
C ASN B 85 5.13 26.09 13.79
N HIS B 86 5.17 24.84 13.28
CA HIS B 86 6.08 24.43 12.21
C HIS B 86 5.59 24.95 10.86
N LEU B 87 6.51 25.45 10.02
CA LEU B 87 6.14 25.98 8.70
C LEU B 87 6.19 24.90 7.64
N MET B 88 7.06 23.91 7.85
CA MET B 88 7.19 22.74 6.98
C MET B 88 7.83 21.57 7.73
N VAL B 89 7.82 20.43 7.06
CA VAL B 89 8.30 19.14 7.51
C VAL B 89 9.60 18.88 6.77
N PHE B 90 10.62 18.44 7.53
CA PHE B 90 11.93 18.04 7.01
C PHE B 90 12.21 16.60 7.44
N GLY B 91 12.25 15.70 6.48
CA GLY B 91 12.54 14.31 6.75
C GLY B 91 11.52 13.37 6.16
N GLY B 92 11.41 12.22 6.83
CA GLY B 92 10.62 11.10 6.35
C GLY B 92 11.66 10.22 5.69
N VAL B 93 12.00 9.09 6.32
CA VAL B 93 13.07 8.21 5.85
C VAL B 93 12.50 6.86 5.41
N CYS B 94 11.82 6.16 6.31
CA CYS B 94 11.24 4.85 6.05
C CYS B 94 9.98 4.99 5.17
N PRO B 95 9.84 4.13 4.13
CA PRO B 95 8.79 4.33 3.11
C PRO B 95 7.34 4.32 3.61
N SER B 96 6.95 3.36 4.45
CA SER B 96 5.57 3.31 4.92
C SER B 96 5.20 4.52 5.83
N VAL B 97 6.13 4.95 6.72
CA VAL B 97 5.97 6.09 7.65
C VAL B 97 5.81 7.37 6.82
N THR B 98 6.73 7.58 5.85
CA THR B 98 6.74 8.76 4.99
C THR B 98 5.45 8.87 4.21
N SER B 99 4.96 7.77 3.59
CA SER B 99 3.70 7.71 2.85
C SER B 99 2.51 8.17 3.72
N ILE B 100 2.43 7.71 4.98
CA ILE B 100 1.35 8.13 5.90
C ILE B 100 1.38 9.63 6.16
N ILE B 101 2.55 10.17 6.52
CA ILE B 101 2.73 11.60 6.80
C ILE B 101 2.51 12.44 5.55
N ALA B 102 3.14 12.02 4.41
CA ALA B 102 3.06 12.74 3.13
C ALA B 102 1.60 12.85 2.62
N GLU B 103 0.81 11.78 2.79
CA GLU B 103 -0.59 11.75 2.33
C GLU B 103 -1.49 12.75 3.06
N SER B 104 -1.17 13.04 4.32
CA SER B 104 -1.98 13.90 5.18
C SER B 104 -1.61 15.36 5.26
N LEU B 105 -0.50 15.77 4.63
CA LEU B 105 0.11 17.09 4.69
C LEU B 105 -0.84 18.27 4.46
N GLN B 106 -1.72 18.18 3.48
CA GLN B 106 -2.70 19.23 3.18
C GLN B 106 -3.61 19.58 4.37
N GLY B 107 -3.90 18.59 5.24
CA GLY B 107 -4.64 18.78 6.47
C GLY B 107 -4.02 19.82 7.40
N TRP B 108 -2.70 19.99 7.33
CA TRP B 108 -2.05 20.99 8.17
C TRP B 108 -1.34 22.04 7.32
N ASN B 109 -1.62 22.05 6.00
CA ASN B 109 -1.04 22.92 4.97
C ASN B 109 0.51 22.93 5.07
N LEU B 110 1.10 21.74 5.30
CA LEU B 110 2.52 21.57 5.50
C LEU B 110 3.23 20.98 4.30
N VAL B 111 4.21 21.71 3.79
CA VAL B 111 5.04 21.25 2.68
C VAL B 111 6.10 20.37 3.34
N GLN B 112 6.37 19.20 2.75
CA GLN B 112 7.40 18.30 3.23
C GLN B 112 8.56 18.16 2.26
N LEU B 113 9.76 18.14 2.82
CA LEU B 113 10.97 17.88 2.07
C LEU B 113 11.76 16.75 2.72
N SER B 114 11.83 15.61 2.03
CA SER B 114 12.55 14.42 2.45
C SER B 114 13.94 14.39 1.81
N PHE B 115 14.92 13.75 2.46
CA PHE B 115 16.29 13.65 1.92
C PHE B 115 16.68 12.21 1.74
N ALA B 116 15.81 11.24 2.16
CA ALA B 116 16.13 9.81 2.14
C ALA B 116 15.00 8.86 1.70
N ALA B 117 13.73 9.31 1.57
CA ALA B 117 12.67 8.40 1.14
C ALA B 117 12.70 8.32 -0.39
N THR B 118 13.09 7.16 -0.92
CA THR B 118 13.27 6.96 -2.35
C THR B 118 12.12 6.16 -3.01
N THR B 119 11.10 5.77 -2.24
CA THR B 119 10.03 4.98 -2.82
C THR B 119 9.32 5.75 -3.94
N PRO B 120 9.19 5.12 -5.14
CA PRO B 120 8.58 5.81 -6.29
C PRO B 120 7.14 6.25 -6.08
N VAL B 121 6.38 5.51 -5.23
CA VAL B 121 4.99 5.73 -4.82
C VAL B 121 4.74 7.23 -4.54
N LEU B 122 5.70 7.88 -3.85
CA LEU B 122 5.67 9.28 -3.45
C LEU B 122 5.67 10.30 -4.61
N ALA B 123 5.94 9.88 -5.85
CA ALA B 123 5.90 10.72 -7.04
C ALA B 123 4.45 11.01 -7.51
N ASP B 124 3.47 10.28 -6.96
CA ASP B 124 2.06 10.46 -7.27
C ASP B 124 1.57 11.77 -6.63
N LYS B 125 1.46 12.84 -7.43
CA LYS B 125 1.09 14.16 -6.88
C LYS B 125 -0.41 14.33 -6.66
N LYS B 126 -1.23 13.31 -7.02
CA LYS B 126 -2.66 13.31 -6.74
C LYS B 126 -2.82 12.94 -5.25
N LYS B 127 -2.04 11.93 -4.79
CA LYS B 127 -2.01 11.40 -3.42
C LYS B 127 -1.05 12.23 -2.52
N TYR B 128 0.11 12.68 -3.05
CA TYR B 128 1.09 13.41 -2.22
C TYR B 128 1.45 14.81 -2.79
N PRO B 129 0.48 15.75 -2.93
CA PRO B 129 0.80 17.05 -3.55
C PRO B 129 1.81 17.94 -2.83
N TYR B 130 1.90 17.82 -1.51
CA TYR B 130 2.76 18.69 -0.70
C TYR B 130 4.13 18.08 -0.42
N PHE B 131 4.44 16.94 -1.05
CA PHE B 131 5.69 16.24 -0.85
C PHE B 131 6.72 16.52 -1.94
N PHE B 132 7.95 16.82 -1.48
CA PHE B 132 9.14 17.03 -2.31
C PHE B 132 10.28 16.20 -1.71
N ARG B 133 11.30 15.88 -2.52
CA ARG B 133 12.49 15.17 -2.02
C ARG B 133 13.76 15.58 -2.78
N THR B 134 14.88 15.77 -2.07
CA THR B 134 16.16 16.14 -2.71
C THR B 134 16.86 14.91 -3.26
N VAL B 135 16.44 13.70 -2.85
CA VAL B 135 17.03 12.45 -3.28
C VAL B 135 16.31 11.85 -4.49
N PRO B 136 17.02 11.34 -5.53
CA PRO B 136 16.29 10.72 -6.64
C PRO B 136 15.60 9.44 -6.15
N SER B 137 14.48 9.07 -6.75
CA SER B 137 13.77 7.89 -6.33
C SER B 137 14.39 6.63 -6.93
N ASP B 138 13.93 5.46 -6.46
CA ASP B 138 14.39 4.16 -6.96
C ASP B 138 14.26 4.07 -8.52
N ASN B 139 13.21 4.70 -9.11
CA ASN B 139 12.95 4.72 -10.57
C ASN B 139 13.91 5.59 -11.39
N ALA B 140 14.62 6.55 -10.75
CA ALA B 140 15.55 7.47 -11.42
C ALA B 140 16.75 6.77 -12.12
N VAL B 141 16.99 5.48 -11.80
CA VAL B 141 18.01 4.66 -12.48
C VAL B 141 17.61 4.35 -13.96
N ASN B 142 16.29 4.28 -14.23
CA ASN B 142 15.72 3.88 -15.52
C ASN B 142 16.06 4.88 -16.67
N PRO B 143 15.90 6.24 -16.56
CA PRO B 143 16.35 7.11 -17.68
C PRO B 143 17.88 7.05 -17.87
N ALA B 144 18.63 6.73 -16.80
CA ALA B 144 20.08 6.57 -16.88
C ALA B 144 20.43 5.30 -17.68
N ILE B 145 19.74 4.18 -17.41
CA ILE B 145 19.97 2.89 -18.08
C ILE B 145 19.64 3.01 -19.58
N LEU B 146 18.54 3.73 -19.94
CA LEU B 146 18.17 4.00 -21.33
C LEU B 146 19.35 4.69 -22.07
N LYS B 147 19.97 5.72 -21.46
CA LYS B 147 21.14 6.39 -22.02
C LYS B 147 22.33 5.47 -22.25
N LEU B 148 22.59 4.54 -21.31
CA LEU B 148 23.66 3.56 -21.37
C LEU B 148 23.44 2.56 -22.50
N LEU B 149 22.20 2.10 -22.68
CA LEU B 149 21.81 1.16 -23.74
C LEU B 149 21.98 1.81 -25.12
N LYS B 150 21.57 3.09 -25.24
CA LYS B 150 21.69 3.88 -26.46
C LYS B 150 23.17 4.10 -26.78
N HIS B 151 23.96 4.44 -25.77
CA HIS B 151 25.41 4.65 -25.90
C HIS B 151 26.15 3.44 -26.51
N TYR B 152 25.83 2.20 -26.03
CA TYR B 152 26.49 0.98 -26.46
C TYR B 152 25.74 0.21 -27.56
N GLN B 153 24.70 0.83 -28.15
CA GLN B 153 23.86 0.28 -29.23
C GLN B 153 23.15 -1.03 -28.85
N TRP B 154 22.76 -1.16 -27.56
CA TRP B 154 22.05 -2.31 -27.03
C TRP B 154 20.59 -2.04 -27.23
N LYS B 155 19.97 -2.72 -28.23
CA LYS B 155 18.57 -2.55 -28.63
C LYS B 155 17.68 -3.68 -28.17
N ARG B 156 18.27 -4.73 -27.56
CA ARG B 156 17.54 -5.89 -27.08
C ARG B 156 18.03 -6.25 -25.69
N VAL B 157 17.10 -6.29 -24.73
CA VAL B 157 17.41 -6.56 -23.32
C VAL B 157 16.46 -7.59 -22.75
N GLY B 158 16.93 -8.24 -21.70
CA GLY B 158 16.13 -9.15 -20.89
C GLY B 158 16.10 -8.60 -19.48
N THR B 159 15.03 -8.88 -18.71
CA THR B 159 14.94 -8.42 -17.33
C THR B 159 14.82 -9.56 -16.34
N LEU B 160 15.49 -9.38 -15.19
CA LEU B 160 15.49 -10.31 -14.06
C LEU B 160 15.13 -9.53 -12.80
N THR B 161 13.92 -9.75 -12.27
CA THR B 161 13.36 -9.01 -11.12
C THR B 161 12.90 -9.90 -9.95
N GLN B 162 13.25 -9.48 -8.73
CA GLN B 162 12.80 -10.14 -7.50
C GLN B 162 11.36 -9.72 -7.24
N ASP B 163 10.46 -10.69 -6.99
CA ASP B 163 9.04 -10.45 -6.71
C ASP B 163 8.82 -9.89 -5.32
N VAL B 164 9.28 -8.66 -5.12
CA VAL B 164 9.21 -7.83 -3.91
C VAL B 164 8.90 -6.42 -4.46
N GLN B 165 7.92 -5.72 -3.86
CA GLN B 165 7.43 -4.40 -4.29
C GLN B 165 8.53 -3.37 -4.66
N ARG B 166 9.64 -3.30 -3.87
CA ARG B 166 10.76 -2.39 -4.10
C ARG B 166 11.36 -2.56 -5.52
N PHE B 167 11.34 -3.79 -6.06
CA PHE B 167 11.93 -4.13 -7.34
C PHE B 167 10.93 -4.19 -8.47
N SER B 168 9.72 -4.68 -8.23
CA SER B 168 8.66 -4.75 -9.23
C SER B 168 8.22 -3.37 -9.66
N GLU B 169 8.30 -2.36 -8.75
CA GLU B 169 8.01 -0.94 -8.99
C GLU B 169 9.00 -0.39 -10.02
N VAL B 170 10.30 -0.77 -9.87
CA VAL B 170 11.36 -0.32 -10.77
C VAL B 170 11.15 -0.93 -12.15
N ARG B 171 10.96 -2.27 -12.23
CA ARG B 171 10.69 -3.00 -13.48
C ARG B 171 9.46 -2.43 -14.20
N ASN B 172 8.39 -2.10 -13.45
CA ASN B 172 7.14 -1.55 -13.99
C ASN B 172 7.39 -0.23 -14.68
N ASP B 173 8.19 0.65 -14.06
CA ASP B 173 8.54 1.96 -14.56
C ASP B 173 9.39 1.85 -15.82
N LEU B 174 10.31 0.83 -15.90
CA LEU B 174 11.17 0.58 -17.06
C LEU B 174 10.35 0.49 -18.37
N THR B 175 9.17 -0.20 -18.32
CA THR B 175 8.25 -0.36 -19.46
C THR B 175 7.98 0.99 -20.15
N GLY B 176 7.49 1.97 -19.39
CA GLY B 176 7.21 3.31 -19.89
C GLY B 176 8.43 4.07 -20.39
N VAL B 177 9.61 3.86 -19.77
CA VAL B 177 10.86 4.54 -20.12
C VAL B 177 11.38 4.01 -21.45
N LEU B 178 11.24 2.70 -21.68
CA LEU B 178 11.69 2.07 -22.91
C LEU B 178 10.63 2.08 -24.04
N TYR B 179 9.44 2.62 -23.77
CA TYR B 179 8.37 2.73 -24.77
C TYR B 179 8.65 3.92 -25.68
N GLY B 180 8.55 3.69 -26.99
CA GLY B 180 8.81 4.71 -28.02
C GLY B 180 10.29 4.91 -28.29
N GLU B 181 11.13 4.05 -27.68
CA GLU B 181 12.58 4.02 -27.86
C GLU B 181 12.86 2.77 -28.68
N ASP B 182 14.02 2.66 -29.33
CA ASP B 182 14.21 1.48 -30.17
C ASP B 182 14.85 0.32 -29.37
N ILE B 183 14.20 -0.08 -28.25
CA ILE B 183 14.70 -1.12 -27.36
C ILE B 183 13.63 -2.16 -27.04
N GLU B 184 13.94 -3.41 -27.35
CA GLU B 184 13.06 -4.55 -27.14
C GLU B 184 13.37 -5.29 -25.82
N ILE B 185 12.34 -5.58 -25.02
CA ILE B 185 12.48 -6.39 -23.81
C ILE B 185 12.04 -7.77 -24.28
N SER B 186 12.99 -8.52 -24.85
CA SER B 186 12.76 -9.83 -25.44
C SER B 186 12.32 -10.90 -24.45
N ASP B 187 12.70 -10.77 -23.16
CA ASP B 187 12.35 -11.74 -22.13
C ASP B 187 12.22 -11.07 -20.76
N THR B 188 11.07 -11.29 -20.09
CA THR B 188 10.77 -10.76 -18.76
C THR B 188 10.63 -11.91 -17.79
N GLU B 189 11.58 -12.02 -16.85
CA GLU B 189 11.62 -13.09 -15.86
C GLU B 189 11.60 -12.55 -14.44
N SER B 190 10.83 -13.22 -13.58
CA SER B 190 10.59 -12.90 -12.18
C SER B 190 10.94 -14.14 -11.31
N PHE B 191 11.25 -13.91 -10.02
CA PHE B 191 11.59 -14.94 -9.03
C PHE B 191 11.31 -14.47 -7.62
N SER B 192 11.00 -15.40 -6.71
CA SER B 192 10.73 -15.05 -5.32
C SER B 192 11.90 -15.42 -4.43
N ASN B 193 12.32 -16.71 -4.46
CA ASN B 193 13.39 -17.22 -3.61
C ASN B 193 14.60 -17.70 -4.37
N ASP B 194 14.40 -18.35 -5.53
CA ASP B 194 15.50 -18.89 -6.32
C ASP B 194 15.48 -18.37 -7.76
N PRO B 195 16.56 -17.68 -8.22
CA PRO B 195 16.56 -17.11 -9.58
C PRO B 195 17.00 -18.07 -10.70
N CYS B 196 17.53 -19.25 -10.36
CA CYS B 196 18.10 -20.24 -11.28
C CYS B 196 17.19 -20.67 -12.43
N THR B 197 15.87 -20.83 -12.18
CA THR B 197 14.94 -21.22 -13.23
C THR B 197 14.82 -20.06 -14.24
N SER B 198 14.71 -18.83 -13.72
CA SER B 198 14.60 -17.60 -14.49
C SER B 198 15.86 -17.29 -15.27
N VAL B 199 17.05 -17.55 -14.68
CA VAL B 199 18.35 -17.40 -15.32
C VAL B 199 18.50 -18.42 -16.47
N LYS B 200 17.94 -19.65 -16.30
CA LYS B 200 17.91 -20.70 -17.31
C LYS B 200 17.09 -20.28 -18.53
N LYS B 201 15.91 -19.66 -18.30
CA LYS B 201 15.01 -19.18 -19.35
C LYS B 201 15.67 -18.06 -20.19
N LEU B 202 16.36 -17.11 -19.50
CA LEU B 202 17.07 -15.99 -20.13
C LEU B 202 18.18 -16.50 -21.04
N LYS B 203 18.91 -17.51 -20.57
CA LYS B 203 19.99 -18.16 -21.31
C LYS B 203 19.42 -18.84 -22.56
N GLY B 204 18.32 -19.56 -22.38
CA GLY B 204 17.60 -20.27 -23.42
C GLY B 204 16.97 -19.36 -24.46
N ASN B 205 16.62 -18.12 -24.07
CA ASN B 205 16.04 -17.14 -24.99
C ASN B 205 17.14 -16.28 -25.63
N ASP B 206 18.40 -16.70 -25.40
CA ASP B 206 19.64 -16.10 -25.87
C ASP B 206 19.78 -14.62 -25.48
N VAL B 207 19.31 -14.24 -24.26
CA VAL B 207 19.43 -12.87 -23.77
C VAL B 207 20.93 -12.56 -23.50
N ARG B 208 21.39 -11.34 -23.87
CA ARG B 208 22.80 -10.95 -23.68
C ARG B 208 22.98 -9.76 -22.71
N ILE B 209 22.01 -8.82 -22.69
CA ILE B 209 22.03 -7.62 -21.85
C ILE B 209 20.96 -7.82 -20.81
N ILE B 210 21.37 -8.00 -19.54
CA ILE B 210 20.39 -8.28 -18.47
C ILE B 210 20.22 -7.10 -17.52
N LEU B 211 18.99 -6.63 -17.37
CA LEU B 211 18.61 -5.56 -16.44
C LEU B 211 18.04 -6.22 -15.17
N GLY B 212 18.89 -6.29 -14.15
CA GLY B 212 18.55 -6.88 -12.86
C GLY B 212 18.06 -5.93 -11.79
N GLN B 213 17.00 -6.36 -11.08
CA GLN B 213 16.42 -5.63 -9.95
C GLN B 213 16.10 -6.65 -8.88
N PHE B 214 17.00 -6.79 -7.92
CA PHE B 214 16.91 -7.73 -6.80
C PHE B 214 17.84 -7.26 -5.68
N ASP B 215 17.66 -7.81 -4.47
CA ASP B 215 18.47 -7.44 -3.30
C ASP B 215 19.84 -8.08 -3.30
N GLN B 216 20.72 -7.62 -2.41
CA GLN B 216 22.09 -8.08 -2.21
C GLN B 216 22.20 -9.60 -1.95
N ASN B 217 21.26 -10.17 -1.17
CA ASN B 217 21.22 -11.60 -0.85
C ASN B 217 20.91 -12.43 -2.11
N MET B 218 19.93 -11.96 -2.89
CA MET B 218 19.53 -12.60 -4.13
C MET B 218 20.60 -12.45 -5.22
N ALA B 219 21.36 -11.33 -5.20
CA ALA B 219 22.42 -11.03 -6.16
C ALA B 219 23.49 -12.10 -6.19
N ALA B 220 23.89 -12.62 -5.00
CA ALA B 220 24.89 -13.69 -4.87
C ALA B 220 24.36 -14.98 -5.52
N LYS B 221 23.05 -15.26 -5.36
CA LYS B 221 22.36 -16.41 -5.97
C LYS B 221 22.30 -16.25 -7.50
N VAL B 222 21.92 -15.05 -7.98
CA VAL B 222 21.82 -14.71 -9.40
C VAL B 222 23.14 -15.04 -10.13
N PHE B 223 24.27 -14.52 -9.59
CA PHE B 223 25.60 -14.68 -10.19
C PHE B 223 26.12 -16.12 -10.07
N CYS B 224 25.63 -16.87 -9.09
CA CYS B 224 25.97 -18.28 -8.95
C CYS B 224 25.29 -19.04 -10.10
N CYS B 225 23.99 -18.76 -10.36
CA CYS B 225 23.22 -19.35 -11.47
C CYS B 225 23.83 -18.96 -12.81
N ALA B 226 24.33 -17.69 -12.92
CA ALA B 226 24.97 -17.15 -14.12
C ALA B 226 26.22 -17.95 -14.45
N TYR B 227 27.06 -18.26 -13.45
CA TYR B 227 28.27 -19.08 -13.63
C TYR B 227 27.91 -20.48 -14.16
N GLU B 228 26.96 -21.14 -13.49
CA GLU B 228 26.47 -22.48 -13.87
C GLU B 228 25.89 -22.54 -15.27
N GLU B 229 25.17 -21.47 -15.71
CA GLU B 229 24.58 -21.38 -17.05
C GLU B 229 25.52 -20.69 -18.05
N ASN B 230 26.76 -20.36 -17.64
CA ASN B 230 27.79 -19.66 -18.44
C ASN B 230 27.32 -18.31 -19.00
N MET B 231 26.32 -17.68 -18.32
CA MET B 231 25.76 -16.38 -18.65
C MET B 231 26.68 -15.23 -18.15
N TYR B 232 27.97 -15.30 -18.50
CA TYR B 232 28.98 -14.31 -18.13
C TYR B 232 30.08 -14.24 -19.19
N GLY B 233 30.98 -13.27 -19.04
CA GLY B 233 32.08 -13.05 -19.98
C GLY B 233 31.82 -12.05 -21.07
N SER B 234 32.62 -12.11 -22.15
CA SER B 234 32.61 -11.20 -23.31
C SER B 234 31.26 -11.01 -24.00
N LYS B 235 30.38 -12.01 -23.94
CA LYS B 235 29.08 -11.93 -24.62
C LYS B 235 27.94 -11.40 -23.74
N TYR B 236 28.20 -11.22 -22.44
CA TYR B 236 27.17 -10.79 -21.50
C TYR B 236 27.46 -9.51 -20.77
N GLN B 237 26.41 -8.73 -20.54
CA GLN B 237 26.44 -7.52 -19.76
C GLN B 237 25.27 -7.54 -18.76
N TRP B 238 25.60 -7.56 -17.45
CA TRP B 238 24.63 -7.50 -16.36
C TRP B 238 24.64 -6.05 -15.86
N ILE B 239 23.45 -5.45 -15.74
CA ILE B 239 23.22 -4.09 -15.26
C ILE B 239 22.29 -4.28 -14.07
N ILE B 240 22.84 -4.08 -12.87
CA ILE B 240 22.18 -4.41 -11.61
C ILE B 240 22.23 -3.24 -10.59
N PRO B 241 21.60 -3.33 -9.39
CA PRO B 241 21.68 -2.21 -8.43
C PRO B 241 23.12 -1.91 -7.98
N GLY B 242 23.38 -0.63 -7.77
CA GLY B 242 24.68 -0.13 -7.35
C GLY B 242 24.77 0.23 -5.88
N TRP B 243 23.68 -0.02 -5.11
CA TRP B 243 23.57 0.34 -3.70
C TRP B 243 23.94 -0.76 -2.68
N TYR B 244 24.53 -1.88 -3.11
CA TYR B 244 24.89 -2.98 -2.21
C TYR B 244 26.06 -2.58 -1.33
N GLU B 245 26.16 -3.18 -0.11
CA GLU B 245 27.27 -2.98 0.83
C GLU B 245 28.58 -3.37 0.11
N PRO B 246 29.73 -2.71 0.36
CA PRO B 246 30.98 -3.19 -0.29
C PRO B 246 31.37 -4.54 0.33
N SER B 247 31.99 -5.45 -0.48
CA SER B 247 32.36 -6.82 -0.08
C SER B 247 31.13 -7.66 0.27
N TRP B 248 29.95 -7.29 -0.28
CA TRP B 248 28.66 -7.97 -0.10
C TRP B 248 28.64 -9.46 -0.46
N TRP B 249 29.47 -9.84 -1.45
CA TRP B 249 29.58 -11.19 -1.99
C TRP B 249 30.34 -12.14 -1.05
N GLU B 250 31.20 -11.59 -0.18
CA GLU B 250 32.01 -12.33 0.80
C GLU B 250 31.16 -12.80 1.99
N GLN B 251 30.22 -11.94 2.43
CA GLN B 251 29.32 -12.13 3.58
C GLN B 251 28.68 -13.52 3.68
N SER B 259 24.99 -21.42 -2.26
CA SER B 259 25.51 -22.55 -1.47
C SER B 259 26.44 -23.42 -2.29
N ARG B 260 26.08 -23.74 -3.54
CA ARG B 260 26.86 -24.60 -4.43
C ARG B 260 28.10 -23.96 -5.08
N CYS B 261 28.00 -22.71 -5.55
CA CYS B 261 29.11 -22.02 -6.23
C CYS B 261 30.25 -21.69 -5.31
N LEU B 262 31.46 -21.63 -5.88
CA LEU B 262 32.66 -21.22 -5.16
C LEU B 262 32.80 -19.70 -5.27
N ARG B 263 33.55 -19.07 -4.34
CA ARG B 263 33.81 -17.63 -4.32
C ARG B 263 34.53 -17.18 -5.60
N LYS B 264 35.49 -17.98 -6.11
CA LYS B 264 36.23 -17.68 -7.33
C LYS B 264 35.33 -17.72 -8.58
N ASN B 265 34.29 -18.59 -8.53
CA ASN B 265 33.31 -18.81 -9.59
C ASN B 265 32.23 -17.74 -9.56
N LEU B 266 31.96 -17.19 -8.37
CA LEU B 266 31.00 -16.09 -8.19
C LEU B 266 31.61 -14.82 -8.77
N LEU B 267 32.90 -14.55 -8.43
CA LEU B 267 33.68 -13.40 -8.89
C LEU B 267 33.90 -13.43 -10.41
N ALA B 268 33.99 -14.64 -11.00
CA ALA B 268 34.17 -14.84 -12.44
C ALA B 268 32.91 -14.42 -13.19
N ALA B 269 31.73 -14.77 -12.67
CA ALA B 269 30.44 -14.43 -13.24
C ALA B 269 30.08 -12.95 -12.98
N MET B 270 30.50 -12.38 -11.83
CA MET B 270 30.27 -10.99 -11.43
C MET B 270 31.11 -10.01 -12.25
N GLU B 271 32.31 -10.46 -12.69
CA GLU B 271 33.28 -9.62 -13.41
C GLU B 271 32.67 -8.79 -14.53
N GLY B 272 32.76 -7.47 -14.39
CA GLY B 272 32.24 -6.54 -15.39
C GLY B 272 30.80 -6.07 -15.25
N TYR B 273 30.07 -6.52 -14.22
CA TYR B 273 28.68 -6.05 -14.03
C TYR B 273 28.62 -4.55 -13.84
N ILE B 274 27.58 -3.91 -14.38
CA ILE B 274 27.40 -2.48 -14.24
C ILE B 274 26.42 -2.25 -13.09
N GLY B 275 26.85 -1.45 -12.11
CA GLY B 275 26.01 -1.09 -10.97
C GLY B 275 25.44 0.31 -11.18
N VAL B 276 24.17 0.52 -10.78
CA VAL B 276 23.49 1.81 -10.97
C VAL B 276 22.86 2.28 -9.65
N ASP B 277 23.11 3.54 -9.25
CA ASP B 277 22.52 4.12 -8.02
C ASP B 277 22.67 5.63 -8.10
N PHE B 278 22.05 6.43 -7.18
CA PHE B 278 22.23 7.89 -7.17
C PHE B 278 23.67 8.24 -6.80
N GLU B 279 24.12 9.43 -7.21
CA GLU B 279 25.43 9.94 -6.89
C GLU B 279 25.39 10.65 -5.52
N PRO B 280 26.09 10.16 -4.47
CA PRO B 280 26.01 10.83 -3.15
C PRO B 280 26.39 12.32 -3.13
N LEU B 281 27.47 12.71 -3.84
CA LEU B 281 27.98 14.09 -3.92
C LEU B 281 28.51 14.34 -5.30
N SER B 282 28.46 15.60 -5.71
CA SER B 282 28.96 16.10 -6.99
C SER B 282 30.47 15.93 -7.07
N SER B 283 30.95 15.51 -8.24
CA SER B 283 32.38 15.32 -8.53
C SER B 283 32.97 16.64 -9.08
N LYS B 284 32.11 17.63 -9.41
CA LYS B 284 32.51 18.94 -9.95
C LYS B 284 33.13 19.78 -8.84
N GLN B 285 34.36 20.26 -9.05
CA GLN B 285 35.10 21.09 -8.08
C GLN B 285 34.69 22.58 -8.17
N ILE B 286 33.38 22.83 -8.24
CA ILE B 286 32.75 24.15 -8.37
C ILE B 286 32.09 24.56 -7.02
N LYS B 287 32.21 25.85 -6.62
CA LYS B 287 31.61 26.38 -5.38
C LYS B 287 30.09 26.25 -5.41
N THR B 288 29.49 25.72 -4.33
CA THR B 288 28.03 25.53 -4.23
C THR B 288 27.39 26.78 -3.60
N ILE B 289 26.06 26.75 -3.35
CA ILE B 289 25.30 27.84 -2.72
C ILE B 289 25.92 28.33 -1.39
N SER B 290 26.56 27.42 -0.64
CA SER B 290 27.17 27.77 0.64
C SER B 290 28.56 28.43 0.47
N GLY B 291 29.10 28.40 -0.75
CA GLY B 291 30.42 28.95 -1.04
C GLY B 291 31.53 27.94 -0.89
N LYS B 292 31.17 26.67 -0.60
CA LYS B 292 32.12 25.57 -0.50
C LYS B 292 31.93 24.68 -1.71
N THR B 293 33.01 24.01 -2.12
CA THR B 293 32.92 23.03 -3.20
C THR B 293 32.34 21.76 -2.53
N PRO B 294 31.89 20.72 -3.26
CA PRO B 294 31.41 19.49 -2.58
C PRO B 294 32.51 18.81 -1.75
N GLN B 295 33.78 18.90 -2.21
CA GLN B 295 34.97 18.33 -1.57
C GLN B 295 35.22 19.03 -0.23
N GLN B 296 35.13 20.36 -0.20
CA GLN B 296 35.32 21.13 1.03
C GLN B 296 34.22 20.83 2.04
N TYR B 297 32.96 20.65 1.55
CA TYR B 297 31.83 20.28 2.40
C TYR B 297 32.06 18.88 2.99
N GLU B 298 32.44 17.91 2.14
CA GLU B 298 32.68 16.51 2.54
C GLU B 298 33.69 16.44 3.68
N ARG B 299 34.80 17.23 3.61
CA ARG B 299 35.82 17.33 4.67
C ARG B 299 35.20 17.91 5.93
N GLU B 300 34.42 18.99 5.79
CA GLU B 300 33.76 19.61 6.94
C GLU B 300 32.78 18.66 7.64
N TYR B 301 32.08 17.83 6.85
CA TYR B 301 31.13 16.86 7.37
C TYR B 301 31.86 15.73 8.13
N ASN B 302 32.95 15.22 7.56
CA ASN B 302 33.73 14.16 8.17
C ASN B 302 34.36 14.59 9.50
N ASN B 303 34.77 15.87 9.63
CA ASN B 303 35.29 16.40 10.90
C ASN B 303 34.17 16.53 11.89
N LYS B 304 33.03 17.09 11.46
CA LYS B 304 31.85 17.31 12.28
C LYS B 304 31.22 16.04 12.84
N ARG B 305 31.10 14.99 12.01
CA ARG B 305 30.43 13.74 12.39
C ARG B 305 31.09 13.02 13.55
N SER B 306 32.41 13.21 13.75
CA SER B 306 33.16 12.58 14.83
C SER B 306 33.00 11.05 14.75
N GLY B 307 32.56 10.43 15.83
CA GLY B 307 32.37 8.98 15.84
C GLY B 307 31.12 8.46 15.14
N VAL B 308 30.16 9.32 14.74
CA VAL B 308 28.93 8.82 14.11
C VAL B 308 29.23 8.35 12.68
N GLY B 309 28.75 7.14 12.40
CA GLY B 309 28.94 6.48 11.12
C GLY B 309 28.42 7.34 9.98
N PRO B 310 29.21 7.54 8.90
CA PRO B 310 28.71 8.36 7.79
C PRO B 310 27.53 7.73 7.04
N SER B 311 26.64 8.56 6.48
CA SER B 311 25.46 8.11 5.71
C SER B 311 25.52 8.73 4.32
N LYS B 312 25.33 7.90 3.26
CA LYS B 312 25.32 8.35 1.85
C LYS B 312 24.25 9.43 1.54
N PHE B 313 23.28 9.66 2.47
CA PHE B 313 22.25 10.68 2.30
C PHE B 313 22.64 12.02 2.91
N HIS B 314 23.87 12.13 3.49
CA HIS B 314 24.28 13.37 4.16
C HIS B 314 24.24 14.63 3.26
N GLY B 315 24.61 14.48 1.99
CA GLY B 315 24.63 15.61 1.05
C GLY B 315 23.22 16.08 0.71
N TYR B 316 22.29 15.11 0.64
CA TYR B 316 20.88 15.32 0.36
C TYR B 316 20.19 16.03 1.50
N ALA B 317 20.65 15.75 2.74
CA ALA B 317 20.12 16.41 3.95
C ALA B 317 20.65 17.83 4.01
N TYR B 318 21.94 18.02 3.67
CA TYR B 318 22.64 19.30 3.64
C TYR B 318 21.97 20.21 2.64
N ASP B 319 21.83 19.74 1.38
CA ASP B 319 21.15 20.48 0.30
C ASP B 319 19.71 20.74 0.65
N GLY B 320 19.09 19.80 1.40
CA GLY B 320 17.71 19.88 1.90
C GLY B 320 17.49 21.09 2.77
N ILE B 321 18.43 21.40 3.68
CA ILE B 321 18.34 22.59 4.55
C ILE B 321 18.42 23.88 3.73
N TRP B 322 19.33 23.92 2.73
CA TRP B 322 19.50 25.02 1.81
C TRP B 322 18.23 25.25 0.97
N VAL B 323 17.56 24.16 0.54
CA VAL B 323 16.26 24.22 -0.14
C VAL B 323 15.24 24.92 0.79
N ILE B 324 15.18 24.53 2.07
CA ILE B 324 14.24 25.13 3.03
C ILE B 324 14.52 26.62 3.24
N ALA B 325 15.80 27.00 3.50
CA ALA B 325 16.21 28.38 3.70
C ALA B 325 15.85 29.26 2.50
N LYS B 326 16.15 28.78 1.27
CA LYS B 326 15.84 29.46 0.01
C LYS B 326 14.33 29.59 -0.21
N THR B 327 13.56 28.55 0.18
CA THR B 327 12.09 28.52 0.07
C THR B 327 11.49 29.58 0.98
N LEU B 328 11.93 29.61 2.24
CA LEU B 328 11.49 30.58 3.25
C LEU B 328 11.83 32.03 2.85
N GLN B 329 13.04 32.26 2.30
CA GLN B 329 13.46 33.57 1.82
C GLN B 329 12.47 34.10 0.76
N ARG B 330 12.14 33.27 -0.25
CA ARG B 330 11.22 33.56 -1.34
C ARG B 330 9.78 33.72 -0.85
N ALA B 331 9.36 32.92 0.14
CA ALA B 331 8.02 33.02 0.71
C ALA B 331 7.88 34.36 1.46
N MET B 332 8.97 34.79 2.13
CA MET B 332 9.06 36.07 2.84
C MET B 332 8.99 37.26 1.90
N GLU B 333 9.57 37.14 0.70
CA GLU B 333 9.52 38.16 -0.34
C GLU B 333 8.09 38.29 -0.88
N THR B 334 7.41 37.13 -1.13
CA THR B 334 6.03 37.07 -1.63
C THR B 334 5.10 37.79 -0.68
N LEU B 335 5.22 37.52 0.63
CA LEU B 335 4.44 38.16 1.69
C LEU B 335 4.69 39.65 1.75
N HIS B 336 5.98 40.07 1.64
CA HIS B 336 6.38 41.47 1.66
C HIS B 336 5.72 42.27 0.53
N ALA B 337 5.58 41.67 -0.68
CA ALA B 337 4.95 42.29 -1.86
C ALA B 337 3.53 42.76 -1.53
N SER B 338 2.65 41.85 -1.01
CA SER B 338 1.30 42.21 -0.59
C SER B 338 1.35 42.98 0.73
N ILE B 344 4.50 36.27 9.17
CA ILE B 344 4.77 34.83 9.03
C ILE B 344 4.47 34.09 10.32
N GLN B 345 4.53 34.81 11.44
CA GLN B 345 4.28 34.33 12.79
C GLN B 345 2.84 33.82 12.94
N ASP B 346 1.88 34.47 12.24
CA ASP B 346 0.46 34.12 12.26
C ASP B 346 0.14 32.74 11.73
N PHE B 347 1.08 32.12 10.93
CA PHE B 347 0.88 30.77 10.39
C PHE B 347 0.49 29.84 11.50
N ASN B 348 -0.64 29.22 11.29
CA ASN B 348 -1.19 28.15 12.07
C ASN B 348 -1.33 27.15 10.95
N TYR B 349 -1.64 25.93 11.26
CA TYR B 349 -1.76 24.91 10.21
C TYR B 349 -3.04 25.15 9.36
N THR B 350 -3.73 26.27 9.68
CA THR B 350 -4.97 26.82 9.14
C THR B 350 -4.75 27.60 7.84
N ASP B 351 -3.64 28.37 7.75
CA ASP B 351 -3.39 29.22 6.59
C ASP B 351 -3.04 28.42 5.34
N HIS B 352 -4.08 28.19 4.52
CA HIS B 352 -3.97 27.51 3.22
C HIS B 352 -3.09 28.29 2.27
N THR B 353 -3.26 29.61 2.30
CA THR B 353 -2.58 30.58 1.43
C THR B 353 -1.06 30.60 1.70
N LEU B 354 -0.63 30.62 2.96
CA LEU B 354 0.80 30.55 3.28
C LEU B 354 1.43 29.23 2.83
N GLY B 355 0.69 28.13 2.97
CA GLY B 355 1.13 26.80 2.53
C GLY B 355 1.30 26.72 1.03
N ARG B 356 0.44 27.41 0.29
CA ARG B 356 0.46 27.50 -1.18
C ARG B 356 1.68 28.33 -1.63
N ILE B 357 1.99 29.41 -0.92
CA ILE B 357 3.16 30.29 -1.13
C ILE B 357 4.47 29.48 -0.95
N ILE B 358 4.56 28.72 0.17
CA ILE B 358 5.67 27.84 0.49
C ILE B 358 5.83 26.78 -0.63
N LEU B 359 4.70 26.20 -1.06
CA LEU B 359 4.68 25.20 -2.12
C LEU B 359 5.18 25.80 -3.45
N ASN B 360 4.69 27.00 -3.83
CA ASN B 360 5.12 27.66 -5.06
C ASN B 360 6.60 28.04 -5.02
N ALA B 361 7.07 28.59 -3.88
CA ALA B 361 8.47 28.94 -3.68
C ALA B 361 9.40 27.72 -3.78
N MET B 362 8.97 26.54 -3.24
CA MET B 362 9.76 25.32 -3.32
C MET B 362 9.91 24.81 -4.76
N ASN B 363 8.84 24.94 -5.56
CA ASN B 363 8.85 24.55 -6.96
C ASN B 363 9.83 25.40 -7.83
N GLU B 364 10.22 26.60 -7.35
CA GLU B 364 11.16 27.51 -8.03
C GLU B 364 12.62 27.13 -7.77
N THR B 365 12.91 26.26 -6.77
CA THR B 365 14.26 25.81 -6.36
C THR B 365 15.18 25.53 -7.55
N ASN B 366 16.32 26.22 -7.60
CA ASN B 366 17.30 26.07 -8.67
C ASN B 366 18.63 26.65 -8.25
N PHE B 367 19.49 25.80 -7.66
CA PHE B 367 20.81 26.23 -7.21
C PHE B 367 21.76 25.06 -7.28
N PHE B 368 23.07 25.34 -7.22
CA PHE B 368 24.08 24.28 -7.26
C PHE B 368 24.40 23.90 -5.82
N GLY B 369 24.08 22.65 -5.51
CA GLY B 369 24.26 22.08 -4.18
C GLY B 369 25.41 21.11 -4.19
N VAL B 370 25.69 20.50 -3.01
CA VAL B 370 26.78 19.52 -2.86
C VAL B 370 26.47 18.24 -3.62
N THR B 371 25.19 17.99 -3.93
CA THR B 371 24.77 16.80 -4.67
C THR B 371 24.57 17.15 -6.17
N GLY B 372 25.04 18.32 -6.58
CA GLY B 372 24.90 18.85 -7.92
C GLY B 372 23.80 19.90 -7.97
N GLN B 373 23.25 20.17 -9.15
CA GLN B 373 22.19 21.16 -9.31
C GLN B 373 20.88 20.66 -8.65
N VAL B 374 20.34 21.44 -7.73
CA VAL B 374 19.12 21.11 -6.99
C VAL B 374 17.89 21.74 -7.66
N VAL B 375 17.16 20.93 -8.42
CA VAL B 375 15.96 21.30 -9.18
C VAL B 375 14.94 20.17 -8.98
N PHE B 376 13.65 20.53 -8.89
CA PHE B 376 12.54 19.56 -8.79
C PHE B 376 11.72 19.60 -10.06
N ARG B 377 11.26 18.45 -10.52
CA ARG B 377 10.33 18.33 -11.63
C ARG B 377 9.14 17.59 -11.01
N ASN B 378 8.07 18.34 -10.68
CA ASN B 378 6.86 17.81 -10.04
C ASN B 378 7.16 17.13 -8.69
N GLY B 379 7.95 17.80 -7.86
CA GLY B 379 8.35 17.37 -6.52
C GLY B 379 9.47 16.35 -6.47
N GLU B 380 9.83 15.80 -7.65
CA GLU B 380 10.85 14.78 -7.87
C GLU B 380 12.19 15.42 -8.16
N ARG B 381 13.26 14.94 -7.51
CA ARG B 381 14.60 15.46 -7.80
C ARG B 381 15.09 15.09 -9.21
N MET B 382 15.66 16.08 -9.92
CA MET B 382 16.39 15.90 -11.17
C MET B 382 17.84 15.93 -10.68
N GLY B 383 18.47 14.75 -10.63
CA GLY B 383 19.81 14.66 -10.05
C GLY B 383 20.83 13.90 -10.86
N THR B 384 21.76 13.25 -10.14
CA THR B 384 22.85 12.52 -10.80
C THR B 384 22.82 11.05 -10.43
N ILE B 385 22.95 10.19 -11.45
CA ILE B 385 23.02 8.75 -11.36
C ILE B 385 24.43 8.28 -11.63
N LYS B 386 24.97 7.50 -10.71
CA LYS B 386 26.32 6.93 -10.73
C LYS B 386 26.32 5.55 -11.38
N PHE B 387 27.26 5.35 -12.31
CA PHE B 387 27.49 4.07 -12.97
C PHE B 387 28.78 3.51 -12.46
N THR B 388 28.75 2.25 -12.04
CA THR B 388 29.93 1.56 -11.54
C THR B 388 30.14 0.27 -12.30
N GLN B 389 31.35 -0.30 -12.21
CA GLN B 389 31.65 -1.57 -12.82
C GLN B 389 32.48 -2.39 -11.85
N PHE B 390 32.08 -3.66 -11.66
CA PHE B 390 32.82 -4.57 -10.80
C PHE B 390 34.09 -4.96 -11.54
N GLN B 391 35.25 -4.59 -10.97
CA GLN B 391 36.55 -4.88 -11.58
C GLN B 391 37.46 -5.59 -10.59
N ASP B 392 37.62 -6.91 -10.78
CA ASP B 392 38.42 -7.87 -10.01
C ASP B 392 38.01 -8.03 -8.53
N SER B 393 38.05 -6.95 -7.76
CA SER B 393 37.78 -7.00 -6.32
C SER B 393 36.77 -5.98 -5.82
N ARG B 394 36.45 -4.96 -6.62
CA ARG B 394 35.55 -3.90 -6.17
C ARG B 394 34.81 -3.20 -7.31
N GLU B 395 33.77 -2.44 -6.94
CA GLU B 395 33.00 -1.61 -7.86
C GLU B 395 33.80 -0.33 -8.05
N VAL B 396 34.00 0.04 -9.31
CA VAL B 396 34.73 1.25 -9.69
C VAL B 396 33.82 2.14 -10.53
N LYS B 397 33.82 3.47 -10.27
CA LYS B 397 33.02 4.43 -11.02
C LYS B 397 33.45 4.47 -12.49
N VAL B 398 32.48 4.37 -13.44
CA VAL B 398 32.68 4.34 -14.90
C VAL B 398 31.87 5.43 -15.61
N GLY B 399 30.99 6.10 -14.88
CA GLY B 399 30.20 7.14 -15.52
C GLY B 399 29.13 7.75 -14.66
N GLU B 400 28.55 8.82 -15.17
CA GLU B 400 27.45 9.51 -14.54
C GLU B 400 26.47 9.99 -15.57
N TYR B 401 25.19 10.04 -15.15
CA TYR B 401 24.07 10.50 -15.93
C TYR B 401 23.51 11.71 -15.21
N ASN B 402 23.31 12.79 -15.96
CA ASN B 402 22.78 14.06 -15.47
C ASN B 402 21.34 14.05 -15.91
N ALA B 403 20.40 14.01 -14.94
CA ALA B 403 18.97 13.96 -15.25
C ALA B 403 18.41 15.25 -15.86
N VAL B 404 18.94 16.42 -15.46
CA VAL B 404 18.52 17.75 -15.95
C VAL B 404 18.72 17.85 -17.49
N ALA B 405 19.94 17.62 -17.95
CA ALA B 405 20.33 17.68 -19.36
C ALA B 405 20.01 16.39 -20.13
N ASP B 406 19.68 15.29 -19.40
CA ASP B 406 19.44 13.95 -19.95
C ASP B 406 20.68 13.49 -20.73
N THR B 407 21.87 13.69 -20.12
CA THR B 407 23.13 13.32 -20.75
C THR B 407 23.92 12.29 -19.96
N LEU B 408 24.69 11.49 -20.68
CA LEU B 408 25.56 10.48 -20.14
C LEU B 408 27.01 10.83 -20.46
N GLU B 409 27.86 10.74 -19.44
CA GLU B 409 29.29 10.93 -19.55
C GLU B 409 29.94 9.66 -19.06
N ILE B 410 30.58 8.92 -19.97
CA ILE B 410 31.30 7.69 -19.64
C ILE B 410 32.78 8.01 -19.40
N ILE B 411 33.30 7.60 -18.23
CA ILE B 411 34.70 7.83 -17.86
C ILE B 411 35.63 7.00 -18.75
N ASN B 412 36.42 7.72 -19.56
CA ASN B 412 37.42 7.17 -20.46
C ASN B 412 38.51 6.50 -19.65
N ASP B 413 38.92 5.30 -20.09
CA ASP B 413 39.96 4.47 -19.48
C ASP B 413 39.54 3.85 -18.13
N THR B 414 38.24 3.70 -17.87
CA THR B 414 37.78 3.00 -16.66
C THR B 414 36.97 1.78 -17.06
N ILE B 415 35.86 1.97 -17.81
CA ILE B 415 34.99 0.89 -18.28
C ILE B 415 35.71 -0.03 -19.27
N ARG B 416 35.54 -1.35 -19.08
CA ARG B 416 36.18 -2.38 -19.89
C ARG B 416 35.27 -3.56 -20.18
N PHE B 417 35.59 -4.27 -21.28
CA PHE B 417 34.88 -5.46 -21.75
C PHE B 417 35.89 -6.59 -22.00
N GLN B 418 35.48 -7.85 -21.75
CA GLN B 418 36.35 -9.02 -21.90
C GLN B 418 36.74 -9.32 -23.37
N GLY B 419 35.89 -8.93 -24.31
CA GLY B 419 36.17 -9.06 -25.73
C GLY B 419 36.79 -7.80 -26.34
N SER B 420 37.02 -7.83 -27.67
CA SER B 420 37.61 -6.72 -28.45
C SER B 420 36.62 -5.55 -28.61
N GLU B 421 35.32 -5.84 -28.47
CA GLU B 421 34.22 -4.90 -28.59
C GLU B 421 33.27 -5.11 -27.40
N PRO B 422 32.37 -4.14 -27.06
CA PRO B 422 31.38 -4.42 -25.99
C PRO B 422 30.42 -5.51 -26.51
N PRO B 423 29.77 -6.34 -25.66
CA PRO B 423 28.89 -7.39 -26.19
C PRO B 423 27.78 -6.87 -27.11
N LYS B 424 27.35 -7.72 -28.05
CA LYS B 424 26.24 -7.51 -28.97
C LYS B 424 24.99 -8.01 -28.25
N ASP B 425 23.81 -7.48 -28.59
CA ASP B 425 22.57 -7.79 -27.90
C ASP B 425 21.86 -9.11 -28.36
N ASP B 426 22.39 -9.80 -29.39
CA ASP B 426 21.80 -11.06 -29.89
C ASP B 426 22.87 -12.02 -30.38
#